data_3LVW
#
_entry.id   3LVW
#
_cell.length_a   118.127
_cell.length_b   118.127
_cell.length_c   165.799
_cell.angle_alpha   90.00
_cell.angle_beta   90.00
_cell.angle_gamma   90.00
#
_symmetry.space_group_name_H-M   'P 43 21 2'
#
loop_
_entity.id
_entity.type
_entity.pdbx_description
1 polymer 'Glutamate--cysteine ligase'
2 non-polymer GLUTATHIONE
3 non-polymer 'TRIETHYLENE GLYCOL'
4 water water
#
_entity_poly.entity_id   1
_entity_poly.type   'polypeptide(L)'
_entity_poly.pdbx_seq_one_letter_code
;MGLLALGTPLQWFESRTYNEHIRDEGIEQLLYIFQAAGKRDNDPLFWGDELEYMVVDFDDKERNSMLDVCHDKILTELNM
EDSSLCEANDVSFHPEYGRYMLEATPASPYLNYVGSYVEVNMQKRRAIAEYKLSEYARQDSKNNLHVGSRSVPLTLTVFP
RMGCPDFINIKDPWNHKNAASRSLFLPDEVINRHVRFPNLTASIRTRRGEKVCMNVPMYKDIATPETDDSIYDRDWFLPE
DKEAKLASKPGFIYMDSMGFGMGCSCLQVTFQAPNINKARYLYDALVNFAPIMLAFSAAAPAFKGWLADQDVRWNVISGA
VDDRTPKERGVAPLLPKYNKNGFGGIAKDVQDKVLEIPKSRYSSVDLFLGGSKFFNRTYNDTNVPINEKVLGRLLENDKA
PLDYDLAKHFAHLYIRDPVSTFEELLNQDNKTSSNHFENIQSTNWQTLRFKPPTQQATPDKKDSPGWRVEFRPFEVQLLD
FENAAYSVLIYLIVDSILTFSDNINAYIHMSKVWENMKIAHHRDAILFEKFHWKKSFRNDTDVETEDYSISEIFHNPENG
IFPQFVTPILCQKGFVTKDWKELKHSSKHERLYYYLKLISDRASGELPTTAKFFRNFVLQHPDYKHDSKISKSINYDLLS
TCDRLTHLDDSKGELTSFLGAEIAEYVKKNKPSIESKCDKLAAALGHHHHHH
;
_entity_poly.pdbx_strand_id   A
#
# COMPACT_ATOMS: atom_id res chain seq x y z
N GLY A 2 10.50 15.30 2.58
CA GLY A 2 11.37 16.00 1.58
C GLY A 2 11.06 15.58 0.16
N LEU A 3 11.67 16.28 -0.81
CA LEU A 3 11.65 15.89 -2.24
C LEU A 3 12.62 14.73 -2.47
N LEU A 4 12.36 13.92 -3.51
CA LEU A 4 13.42 13.08 -4.11
C LEU A 4 14.42 14.03 -4.83
N ALA A 5 15.72 13.92 -4.53
CA ALA A 5 16.78 14.72 -5.20
C ALA A 5 16.90 14.40 -6.71
N LEU A 6 17.38 15.37 -7.50
CA LEU A 6 17.35 15.26 -8.98
C LEU A 6 18.41 14.29 -9.60
N GLY A 7 18.10 13.76 -10.80
CA GLY A 7 19.03 12.91 -11.58
C GLY A 7 18.51 12.54 -12.96
N THR A 8 19.37 11.94 -13.79
CA THR A 8 18.90 11.43 -15.08
C THR A 8 18.75 9.93 -15.01
N PRO A 9 17.52 9.42 -15.25
CA PRO A 9 17.22 8.00 -15.24
C PRO A 9 17.82 7.37 -16.48
N LEU A 10 18.08 6.08 -16.43
CA LEU A 10 18.55 5.35 -17.58
C LEU A 10 17.33 4.65 -18.13
N GLN A 11 17.11 4.67 -19.45
CA GLN A 11 16.00 3.88 -19.99
C GLN A 11 16.35 2.40 -19.90
N TRP A 12 15.36 1.51 -19.96
CA TRP A 12 15.60 0.09 -19.69
C TRP A 12 16.69 -0.52 -20.57
N PHE A 13 16.62 -0.26 -21.88
CA PHE A 13 17.59 -0.85 -22.82
C PHE A 13 18.99 -0.46 -22.42
N GLU A 14 19.13 0.77 -21.93
CA GLU A 14 20.43 1.25 -21.48
C GLU A 14 20.79 0.73 -20.08
N SER A 15 19.80 0.47 -19.20
CA SER A 15 20.07 0.17 -17.75
C SER A 15 20.35 -1.31 -17.45
N ARG A 16 19.71 -2.18 -18.24
CA ARG A 16 19.81 -3.60 -18.04
C ARG A 16 21.24 -4.12 -17.96
N THR A 17 22.19 -3.49 -18.68
CA THR A 17 23.60 -3.99 -18.66
C THR A 17 24.30 -3.68 -17.32
N TYR A 18 23.53 -3.22 -16.32
CA TYR A 18 24.11 -2.93 -15.02
C TYR A 18 23.42 -3.73 -13.91
N ASN A 19 22.49 -4.60 -14.31
CA ASN A 19 21.70 -5.33 -13.35
C ASN A 19 22.60 -6.02 -12.38
N GLU A 20 23.60 -6.72 -12.91
CA GLU A 20 24.43 -7.52 -12.05
C GLU A 20 25.36 -6.61 -11.22
N HIS A 21 25.85 -5.54 -11.83
CA HIS A 21 26.70 -4.60 -11.10
C HIS A 21 25.90 -4.07 -9.90
N ILE A 22 24.65 -3.65 -10.14
CA ILE A 22 23.81 -3.08 -9.08
C ILE A 22 23.53 -4.06 -7.95
N ARG A 23 23.12 -5.29 -8.29
CA ARG A 23 22.90 -6.33 -7.30
C ARG A 23 24.19 -6.61 -6.49
N ASP A 24 25.31 -6.85 -7.17
CA ASP A 24 26.55 -7.09 -6.46
C ASP A 24 26.84 -6.01 -5.41
N GLU A 25 26.74 -4.75 -5.82
CA GLU A 25 27.22 -3.68 -4.98
C GLU A 25 26.24 -3.47 -3.86
N GLY A 26 24.98 -3.75 -4.17
CA GLY A 26 23.92 -3.59 -3.17
C GLY A 26 24.11 -4.54 -2.03
N ILE A 27 24.47 -5.78 -2.40
CA ILE A 27 24.71 -6.83 -1.41
C ILE A 27 25.85 -6.43 -0.50
N GLU A 28 26.97 -6.03 -1.10
CA GLU A 28 28.08 -5.44 -0.35
C GLU A 28 27.58 -4.40 0.60
N GLN A 29 26.76 -3.47 0.14
CA GLN A 29 26.21 -2.45 1.06
C GLN A 29 25.40 -3.09 2.23
N LEU A 30 24.62 -4.11 1.91
CA LEU A 30 23.83 -4.77 2.92
C LEU A 30 24.81 -5.36 3.96
N LEU A 31 25.85 -6.04 3.49
CA LEU A 31 26.87 -6.57 4.42
C LEU A 31 27.47 -5.47 5.30
N TYR A 32 27.95 -4.37 4.70
CA TYR A 32 28.35 -3.22 5.56
C TYR A 32 27.33 -2.77 6.59
N ILE A 33 26.04 -2.78 6.23
CA ILE A 33 24.96 -2.38 7.17
C ILE A 33 24.85 -3.34 8.35
N PHE A 34 24.91 -4.64 8.06
CA PHE A 34 24.94 -5.64 9.13
C PHE A 34 26.17 -5.44 10.01
N GLN A 35 27.31 -5.22 9.40
CA GLN A 35 28.54 -5.18 10.13
C GLN A 35 28.45 -4.05 11.05
N ALA A 36 27.90 -2.94 10.57
CA ALA A 36 27.85 -1.72 11.35
C ALA A 36 26.72 -1.67 12.39
N ALA A 37 25.55 -2.24 12.07
CA ALA A 37 24.36 -2.07 12.93
C ALA A 37 23.72 -3.37 13.42
N GLY A 38 24.25 -4.50 12.98
CA GLY A 38 23.75 -5.76 13.43
C GLY A 38 23.63 -5.89 14.94
N LYS A 39 24.42 -5.11 15.71
CA LYS A 39 24.41 -5.30 17.17
C LYS A 39 23.66 -4.23 17.93
N ARG A 40 22.90 -3.38 17.26
CA ARG A 40 22.09 -2.41 17.99
C ARG A 40 21.20 -3.12 18.99
N ASP A 41 20.93 -2.50 20.14
CA ASP A 41 20.05 -3.13 21.11
C ASP A 41 19.34 -2.08 21.90
N ASN A 42 18.23 -2.46 22.57
CA ASN A 42 17.48 -1.48 23.36
C ASN A 42 16.95 -0.27 22.57
N ASP A 43 16.95 -0.41 21.26
CA ASP A 43 16.30 0.59 20.43
C ASP A 43 14.89 0.79 20.92
N PRO A 44 14.46 2.04 21.07
CA PRO A 44 13.07 2.21 21.59
C PRO A 44 11.99 2.00 20.49
N LEU A 45 10.75 1.82 20.93
CA LEU A 45 9.61 1.62 20.04
C LEU A 45 9.08 2.94 19.44
N PHE A 46 9.91 3.48 18.55
CA PHE A 46 9.49 4.60 17.71
C PHE A 46 8.68 4.05 16.55
N TRP A 47 7.64 4.76 16.18
CA TRP A 47 6.79 4.29 15.08
C TRP A 47 6.14 5.45 14.40
N GLY A 48 5.51 5.21 13.25
CA GLY A 48 4.80 6.24 12.50
C GLY A 48 3.96 5.68 11.38
N ASP A 49 2.90 6.41 11.05
CA ASP A 49 2.07 6.11 9.90
C ASP A 49 2.45 6.96 8.62
N GLU A 50 2.05 6.48 7.44
CA GLU A 50 2.07 7.27 6.23
C GLU A 50 0.67 7.22 5.63
N LEU A 51 0.13 8.38 5.26
CA LEU A 51 -1.13 8.49 4.58
C LEU A 51 -0.86 8.93 3.14
N GLU A 52 -1.80 8.59 2.27
CA GLU A 52 -1.75 8.98 0.88
C GLU A 52 -3.10 9.57 0.52
N TYR A 53 -3.04 10.67 -0.20
CA TYR A 53 -4.18 11.49 -0.54
C TYR A 53 -4.34 11.68 -2.04
N MET A 54 -5.59 11.86 -2.44
CA MET A 54 -5.89 12.24 -3.81
C MET A 54 -6.52 13.62 -3.86
N VAL A 55 -5.97 14.54 -4.64
CA VAL A 55 -6.59 15.87 -4.76
C VAL A 55 -7.68 15.75 -5.84
N VAL A 56 -8.92 15.91 -5.42
CA VAL A 56 -10.05 15.87 -6.33
C VAL A 56 -10.56 17.29 -6.64
N ASP A 57 -10.74 17.58 -7.93
CA ASP A 57 -11.28 18.86 -8.43
C ASP A 57 -12.78 18.66 -8.62
N PHE A 58 -13.57 19.21 -7.70
CA PHE A 58 -15.04 19.17 -7.82
C PHE A 58 -15.50 20.29 -8.70
N ASP A 59 -16.08 19.92 -9.86
CA ASP A 59 -16.76 20.85 -10.80
C ASP A 59 -18.28 20.75 -10.58
N ASP A 60 -18.79 21.54 -9.68
CA ASP A 60 -20.17 21.42 -9.26
C ASP A 60 -21.15 21.82 -10.34
N LYS A 61 -20.73 22.74 -11.19
CA LYS A 61 -21.62 23.13 -12.25
C LYS A 61 -21.82 21.93 -13.23
N GLU A 62 -20.74 21.30 -13.69
CA GLU A 62 -20.92 20.17 -14.61
C GLU A 62 -21.30 18.86 -13.93
N ARG A 63 -21.41 18.85 -12.59
CA ARG A 63 -21.51 17.59 -11.79
C ARG A 63 -20.47 16.53 -12.17
N ASN A 64 -19.21 16.92 -12.18
CA ASN A 64 -18.09 16.02 -12.55
C ASN A 64 -16.94 16.12 -11.50
N SER A 65 -16.53 15.02 -10.84
CA SER A 65 -15.33 15.05 -9.93
C SER A 65 -14.17 14.42 -10.62
N MET A 66 -13.11 15.19 -10.75
CA MET A 66 -11.96 14.72 -11.47
C MET A 66 -10.78 14.66 -10.50
N LEU A 67 -9.74 13.96 -10.91
CA LEU A 67 -8.47 14.08 -10.27
C LEU A 67 -7.79 15.39 -10.71
N ASP A 68 -7.18 16.10 -9.78
CA ASP A 68 -6.63 17.37 -10.09
C ASP A 68 -5.16 17.07 -10.27
N VAL A 69 -4.72 17.20 -11.51
CA VAL A 69 -3.35 16.98 -11.90
C VAL A 69 -2.67 18.31 -12.13
N CYS A 70 -3.23 19.39 -11.62
CA CYS A 70 -2.59 20.71 -11.84
C CYS A 70 -2.05 21.47 -10.62
N HIS A 71 -2.36 21.05 -9.39
CA HIS A 71 -1.82 21.76 -8.26
C HIS A 71 -0.67 21.02 -7.61
N ASP A 72 0.07 20.31 -8.46
CA ASP A 72 1.10 19.39 -7.98
C ASP A 72 2.32 20.11 -7.43
N LYS A 73 2.49 21.40 -7.73
CA LYS A 73 3.56 22.24 -7.11
C LYS A 73 3.46 22.26 -5.57
N ILE A 74 2.30 21.91 -5.03
CA ILE A 74 2.12 21.85 -3.61
C ILE A 74 3.26 21.06 -2.89
N LEU A 75 3.72 19.95 -3.47
CA LEU A 75 4.81 19.16 -2.87
C LEU A 75 6.13 19.86 -2.87
N THR A 76 6.37 20.73 -3.84
CA THR A 76 7.62 21.47 -3.83
C THR A 76 7.48 22.61 -2.87
N GLU A 77 6.37 23.32 -2.91
CA GLU A 77 6.24 24.43 -1.98
C GLU A 77 6.33 24.00 -0.50
N LEU A 78 5.67 22.90 -0.13
CA LEU A 78 5.64 22.48 1.25
C LEU A 78 7.01 22.03 1.71
N ASN A 79 7.92 21.85 0.76
CA ASN A 79 9.31 21.41 1.07
C ASN A 79 10.38 22.46 0.83
N MET A 80 9.95 23.71 0.59
CA MET A 80 10.82 24.89 0.38
C MET A 80 10.30 26.01 1.29
N GLU A 81 9.52 26.90 0.72
CA GLU A 81 9.24 28.10 1.43
C GLU A 81 8.14 27.88 2.52
N ASP A 82 7.40 26.77 2.42
CA ASP A 82 6.49 26.42 3.47
C ASP A 82 6.99 25.28 4.31
N SER A 83 8.28 24.96 4.21
CA SER A 83 8.76 23.88 5.02
C SER A 83 8.71 24.20 6.57
N SER A 84 8.91 25.46 6.92
CA SER A 84 8.74 25.92 8.28
C SER A 84 7.28 25.72 8.75
N LEU A 85 6.27 26.01 7.93
CA LEU A 85 4.91 25.67 8.34
C LEU A 85 4.87 24.24 8.82
N CYS A 86 5.59 23.36 8.09
CA CYS A 86 5.42 21.93 8.26
C CYS A 86 6.04 21.46 9.57
N GLU A 87 7.22 22.00 9.85
CA GLU A 87 8.00 21.55 10.95
C GLU A 87 7.39 22.06 12.21
N ALA A 88 7.18 23.37 12.32
CA ALA A 88 6.30 23.87 13.40
C ALA A 88 5.14 22.91 13.70
N ASN A 89 4.59 22.26 12.67
CA ASN A 89 3.44 21.42 12.89
C ASN A 89 3.69 19.89 13.00
N ASP A 90 4.98 19.50 12.97
CA ASP A 90 5.37 18.12 13.09
C ASP A 90 4.74 17.24 11.98
N VAL A 91 4.68 17.78 10.77
CA VAL A 91 4.28 17.00 9.62
C VAL A 91 5.31 17.11 8.51
N SER A 92 5.24 16.16 7.58
CA SER A 92 6.18 16.15 6.47
C SER A 92 5.46 15.58 5.25
N PHE A 93 5.71 16.12 4.05
CA PHE A 93 5.00 15.73 2.81
C PHE A 93 5.95 15.18 1.78
N HIS A 94 5.55 14.15 1.05
CA HIS A 94 6.43 13.52 0.05
C HIS A 94 5.58 13.26 -1.19
N PRO A 95 6.23 13.12 -2.39
CA PRO A 95 5.59 12.77 -3.66
C PRO A 95 5.30 11.30 -3.68
N GLU A 96 4.24 10.93 -4.37
CA GLU A 96 3.90 9.55 -4.70
C GLU A 96 3.71 9.39 -6.27
N TYR A 97 3.45 8.16 -6.72
CA TYR A 97 3.29 7.90 -8.15
C TYR A 97 2.38 8.91 -8.83
N GLY A 98 1.16 9.11 -8.29
CA GLY A 98 0.18 10.03 -8.87
C GLY A 98 0.60 11.51 -8.92
N ARG A 99 0.42 12.16 -10.06
CA ARG A 99 0.60 13.61 -10.08
C ARG A 99 -0.43 14.30 -9.15
N TYR A 100 -1.57 13.63 -8.92
CA TYR A 100 -2.68 14.13 -8.12
C TYR A 100 -2.57 13.62 -6.67
N MET A 101 -1.50 12.92 -6.35
CA MET A 101 -1.43 12.31 -5.03
C MET A 101 -0.60 13.11 -4.08
N LEU A 102 -0.89 13.01 -2.79
CA LEU A 102 0.06 13.51 -1.78
C LEU A 102 0.35 12.40 -0.82
N GLU A 103 1.57 12.37 -0.30
CA GLU A 103 1.92 11.51 0.82
C GLU A 103 2.39 12.39 1.99
N ALA A 104 2.05 12.03 3.20
CA ALA A 104 2.40 12.88 4.35
C ALA A 104 2.53 11.98 5.56
N THR A 105 3.42 12.32 6.47
CA THR A 105 3.72 11.49 7.63
C THR A 105 3.95 12.48 8.76
N PRO A 106 4.02 12.03 10.04
CA PRO A 106 4.45 13.04 11.05
C PRO A 106 5.96 13.39 10.81
N ALA A 107 6.44 14.56 11.28
CA ALA A 107 7.85 14.88 11.02
C ALA A 107 8.81 14.09 11.92
N SER A 108 8.28 13.68 13.07
CA SER A 108 9.01 12.79 13.99
C SER A 108 8.15 11.59 14.39
N PRO A 109 8.81 10.43 14.54
CA PRO A 109 8.17 9.20 14.98
C PRO A 109 7.54 9.47 16.31
N TYR A 110 6.39 8.85 16.54
CA TYR A 110 5.74 8.76 17.82
C TYR A 110 6.57 7.85 18.67
N LEU A 111 6.52 8.01 19.99
CA LEU A 111 7.23 7.12 20.92
C LEU A 111 6.25 6.37 21.82
N ASN A 112 6.23 5.02 21.72
CA ASN A 112 5.21 4.18 22.44
C ASN A 112 3.79 4.72 22.24
N TYR A 113 2.93 4.60 23.25
CA TYR A 113 1.52 4.97 23.12
C TYR A 113 1.35 6.48 23.11
N VAL A 114 0.68 7.06 22.08
CA VAL A 114 0.55 8.54 22.03
C VAL A 114 -0.92 9.01 21.91
N GLY A 115 -1.83 8.09 22.27
CA GLY A 115 -3.23 8.39 22.39
C GLY A 115 -3.76 9.03 21.13
N SER A 116 -4.46 10.16 21.30
CA SER A 116 -5.03 10.86 20.15
C SER A 116 -4.04 11.66 19.30
N TYR A 117 -2.79 11.67 19.66
CA TYR A 117 -1.86 12.45 18.89
C TYR A 117 -1.78 11.97 17.44
N VAL A 118 -1.96 10.67 17.18
CA VAL A 118 -1.94 10.20 15.80
C VAL A 118 -3.04 10.97 15.03
N GLU A 119 -4.25 11.04 15.57
CA GLU A 119 -5.33 11.64 14.82
C GLU A 119 -5.04 13.14 14.63
N VAL A 120 -4.52 13.75 15.68
CA VAL A 120 -4.20 15.17 15.69
C VAL A 120 -3.17 15.43 14.54
N ASN A 121 -2.10 14.67 14.53
CA ASN A 121 -1.09 14.82 13.50
C ASN A 121 -1.69 14.58 12.07
N MET A 122 -2.60 13.61 11.91
CA MET A 122 -3.27 13.41 10.59
C MET A 122 -4.08 14.63 10.15
N GLN A 123 -4.74 15.25 11.12
CA GLN A 123 -5.61 16.39 10.84
C GLN A 123 -4.83 17.60 10.42
N LYS A 124 -3.64 17.73 10.97
CA LYS A 124 -2.74 18.78 10.62
C LYS A 124 -2.22 18.57 9.22
N ARG A 125 -1.85 17.33 8.89
CA ARG A 125 -1.49 17.04 7.51
C ARG A 125 -2.64 17.49 6.59
N ARG A 126 -3.85 17.09 6.93
CA ARG A 126 -4.99 17.43 6.09
C ARG A 126 -5.25 18.95 6.06
N ALA A 127 -4.98 19.64 7.16
CA ALA A 127 -5.37 21.05 7.17
C ALA A 127 -4.33 21.84 6.33
N ILE A 128 -3.06 21.49 6.50
CA ILE A 128 -2.04 22.14 5.72
C ILE A 128 -2.33 21.92 4.19
N ALA A 129 -2.70 20.70 3.75
CA ALA A 129 -3.08 20.49 2.34
C ALA A 129 -4.20 21.43 1.94
N GLU A 130 -5.23 21.50 2.78
CA GLU A 130 -6.45 22.27 2.43
C GLU A 130 -6.11 23.73 2.37
N TYR A 131 -5.27 24.13 3.29
CA TYR A 131 -4.81 25.49 3.37
C TYR A 131 -4.13 25.94 2.06
N LYS A 132 -3.09 25.17 1.65
CA LYS A 132 -2.41 25.34 0.36
C LYS A 132 -3.37 25.30 -0.81
N LEU A 133 -4.38 24.46 -0.74
CA LEU A 133 -5.32 24.42 -1.85
C LEU A 133 -6.14 25.69 -1.89
N SER A 134 -6.45 26.28 -0.75
CA SER A 134 -7.32 27.46 -0.81
C SER A 134 -6.46 28.64 -1.26
N GLU A 135 -5.20 28.65 -0.89
CA GLU A 135 -4.28 29.67 -1.43
C GLU A 135 -4.26 29.61 -2.98
N TYR A 136 -4.21 28.40 -3.56
CA TYR A 136 -4.21 28.28 -5.01
C TYR A 136 -5.55 28.71 -5.54
N ALA A 137 -6.60 28.50 -4.77
CA ALA A 137 -7.90 28.84 -5.27
C ALA A 137 -7.99 30.35 -5.39
N ARG A 138 -7.35 31.05 -4.45
CA ARG A 138 -7.37 32.53 -4.49
C ARG A 138 -6.53 33.10 -5.64
N GLN A 139 -5.28 32.66 -5.75
CA GLN A 139 -4.47 32.95 -6.94
C GLN A 139 -5.20 32.56 -8.27
N ASP A 140 -5.75 31.35 -8.32
CA ASP A 140 -6.38 30.90 -9.54
C ASP A 140 -7.43 31.87 -9.94
N SER A 141 -8.34 32.18 -9.01
CA SER A 141 -9.44 33.14 -9.25
C SER A 141 -8.97 34.45 -9.93
N LYS A 142 -7.93 35.04 -9.35
CA LYS A 142 -7.37 36.26 -9.86
C LYS A 142 -6.59 36.10 -11.16
N ASN A 143 -6.35 34.89 -11.66
CA ASN A 143 -5.76 34.73 -13.01
C ASN A 143 -6.73 34.09 -13.97
N ASN A 144 -7.99 34.03 -13.56
CA ASN A 144 -9.05 33.37 -14.29
C ASN A 144 -8.73 31.91 -14.73
N LEU A 145 -7.95 31.19 -13.94
CA LEU A 145 -7.70 29.76 -14.15
C LEU A 145 -8.70 28.93 -13.33
N HIS A 146 -8.90 27.67 -13.70
CA HIS A 146 -9.81 26.76 -12.97
C HIS A 146 -11.08 27.37 -12.44
N VAL A 147 -11.86 27.98 -13.33
CA VAL A 147 -13.17 28.60 -13.00
C VAL A 147 -14.20 27.54 -12.62
N GLY A 148 -14.91 27.81 -11.51
CA GLY A 148 -15.92 26.90 -10.94
C GLY A 148 -15.34 25.60 -10.34
N SER A 149 -14.03 25.55 -10.18
CA SER A 149 -13.37 24.38 -9.60
C SER A 149 -13.14 24.45 -8.10
N ARG A 150 -13.40 23.36 -7.41
CA ARG A 150 -12.96 23.30 -6.03
C ARG A 150 -12.17 22.01 -5.69
N SER A 151 -10.88 22.21 -5.38
CA SER A 151 -10.00 21.10 -5.07
C SER A 151 -10.05 20.74 -3.61
N VAL A 152 -10.28 19.44 -3.34
CA VAL A 152 -10.28 18.88 -1.99
C VAL A 152 -9.41 17.62 -1.93
N PRO A 153 -8.54 17.48 -0.88
CA PRO A 153 -7.83 16.21 -0.70
C PRO A 153 -8.70 15.19 0.06
N LEU A 154 -8.79 13.99 -0.52
CA LEU A 154 -9.66 12.95 -0.04
C LEU A 154 -8.76 11.76 0.02
N THR A 155 -8.83 11.05 1.14
CA THR A 155 -8.06 9.85 1.30
C THR A 155 -8.92 8.74 0.76
N LEU A 156 -8.96 8.59 -0.55
CA LEU A 156 -9.66 7.45 -1.16
C LEU A 156 -8.59 6.40 -1.46
N THR A 157 -8.94 5.12 -1.33
CA THR A 157 -8.09 4.05 -1.78
C THR A 157 -7.98 4.02 -3.30
N VAL A 158 -9.14 4.20 -3.92
CA VAL A 158 -9.19 4.14 -5.35
C VAL A 158 -10.02 5.28 -5.88
N PHE A 159 -9.58 5.86 -6.99
CA PHE A 159 -10.47 6.79 -7.72
C PHE A 159 -11.46 6.01 -8.63
N PRO A 160 -12.78 6.02 -8.34
CA PRO A 160 -13.71 5.13 -9.01
C PRO A 160 -13.76 5.34 -10.51
N ARG A 161 -13.35 6.54 -10.95
CA ARG A 161 -13.39 6.86 -12.37
C ARG A 161 -12.04 6.94 -13.07
N MET A 162 -11.06 6.16 -12.58
CA MET A 162 -9.71 6.21 -13.12
C MET A 162 -9.76 5.85 -14.59
N GLY A 163 -9.06 6.61 -15.41
CA GLY A 163 -8.96 6.32 -16.85
C GLY A 163 -10.28 6.18 -17.63
N CYS A 164 -11.31 6.88 -17.17
CA CYS A 164 -12.59 6.97 -17.83
C CYS A 164 -12.70 8.37 -18.46
N PRO A 165 -13.69 8.58 -19.35
CA PRO A 165 -13.70 9.98 -19.88
C PRO A 165 -13.96 11.14 -18.86
N ASP A 166 -13.21 12.23 -19.05
CA ASP A 166 -13.28 13.45 -18.21
C ASP A 166 -12.84 13.31 -16.75
N PHE A 167 -11.83 12.45 -16.52
CA PHE A 167 -11.42 12.12 -15.17
C PHE A 167 -10.24 12.96 -14.69
N ILE A 168 -9.55 13.62 -15.57
CA ILE A 168 -8.55 14.58 -15.10
C ILE A 168 -8.90 16.04 -15.52
N ASN A 169 -8.54 17.02 -14.72
CA ASN A 169 -8.86 18.43 -15.06
C ASN A 169 -7.91 19.06 -16.13
N ILE A 170 -7.75 18.37 -17.22
CA ILE A 170 -6.96 18.85 -18.31
C ILE A 170 -7.91 18.79 -19.51
N LYS A 171 -8.16 19.94 -20.16
CA LYS A 171 -8.88 19.90 -21.46
C LYS A 171 -8.16 19.02 -22.52
N ASP A 172 -8.89 18.07 -23.11
CA ASP A 172 -8.38 17.39 -24.30
C ASP A 172 -6.95 16.73 -24.12
N PRO A 173 -6.83 15.83 -23.11
CA PRO A 173 -5.55 15.21 -22.79
C PRO A 173 -5.07 14.20 -23.85
N TRP A 174 -5.94 13.81 -24.77
CA TRP A 174 -5.52 12.89 -25.83
C TRP A 174 -5.02 13.58 -27.10
N ASN A 175 -4.84 14.89 -27.10
CA ASN A 175 -4.36 15.56 -28.31
C ASN A 175 -2.84 15.37 -28.49
N HIS A 176 -2.25 14.46 -27.71
CA HIS A 176 -0.80 14.14 -27.80
C HIS A 176 -0.67 12.76 -27.22
N LYS A 177 0.50 12.13 -27.36
CA LYS A 177 0.63 10.71 -27.02
C LYS A 177 1.22 10.60 -25.63
N ASN A 178 0.92 9.47 -24.96
CA ASN A 178 1.38 9.08 -23.61
C ASN A 178 2.41 7.98 -23.78
N ALA A 179 3.59 8.39 -24.21
CA ALA A 179 4.68 7.49 -24.57
C ALA A 179 5.20 6.64 -23.40
N ALA A 180 4.95 7.06 -22.16
CA ALA A 180 5.51 6.36 -20.99
C ALA A 180 4.68 5.12 -20.70
N SER A 181 3.38 5.27 -20.49
CA SER A 181 2.60 4.09 -20.16
C SER A 181 2.08 3.41 -21.42
N ARG A 182 1.85 4.21 -22.45
CA ARG A 182 1.13 3.80 -23.68
C ARG A 182 -0.25 3.20 -23.36
N SER A 183 -0.87 3.66 -22.28
CA SER A 183 -2.16 3.16 -21.91
C SER A 183 -3.23 3.60 -22.88
N LEU A 184 -4.19 2.71 -23.09
CA LEU A 184 -5.46 3.11 -23.65
C LEU A 184 -6.22 4.13 -22.76
N PHE A 185 -6.00 4.15 -21.45
CA PHE A 185 -6.89 4.95 -20.58
C PHE A 185 -6.27 6.03 -19.71
N LEU A 186 -5.00 5.90 -19.38
CA LEU A 186 -4.37 6.88 -18.55
C LEU A 186 -3.43 7.68 -19.42
N PRO A 187 -3.77 8.95 -19.64
CA PRO A 187 -2.72 9.81 -20.15
C PRO A 187 -1.63 9.94 -19.10
N ASP A 188 -0.40 10.05 -19.54
CA ASP A 188 0.77 10.16 -18.70
C ASP A 188 0.76 11.32 -17.70
N GLU A 189 -0.26 12.15 -17.79
CA GLU A 189 -0.37 13.30 -16.88
C GLU A 189 -0.88 12.88 -15.51
N VAL A 190 -1.20 11.59 -15.37
CA VAL A 190 -1.57 11.00 -14.10
C VAL A 190 -0.34 10.71 -13.27
N ILE A 191 0.84 10.85 -13.89
CA ILE A 191 2.12 10.49 -13.32
C ILE A 191 2.84 11.73 -12.78
N ASN A 192 3.28 11.62 -11.54
CA ASN A 192 4.08 12.68 -10.88
C ASN A 192 5.29 13.00 -11.73
N ARG A 193 5.70 14.28 -11.77
CA ARG A 193 6.78 14.74 -12.67
C ARG A 193 8.19 14.39 -12.21
N HIS A 194 8.37 13.80 -11.04
CA HIS A 194 9.71 13.38 -10.65
C HIS A 194 10.11 12.26 -11.59
N VAL A 195 11.25 12.43 -12.24
CA VAL A 195 11.70 11.49 -13.28
C VAL A 195 11.58 9.99 -12.90
N ARG A 196 11.77 9.68 -11.62
CA ARG A 196 11.62 8.28 -11.15
C ARG A 196 10.35 7.67 -11.69
N PHE A 197 9.23 8.37 -11.58
CA PHE A 197 7.93 7.73 -11.86
C PHE A 197 7.68 7.41 -13.36
N PRO A 198 7.82 8.38 -14.29
CA PRO A 198 7.75 7.94 -15.72
C PRO A 198 8.76 6.79 -16.03
N ASN A 199 9.95 6.89 -15.47
CA ASN A 199 10.98 5.90 -15.69
C ASN A 199 10.60 4.47 -15.33
N LEU A 200 10.14 4.27 -14.09
CA LEU A 200 9.65 2.99 -13.63
C LEU A 200 8.52 2.51 -14.54
N THR A 201 7.66 3.43 -14.94
CA THR A 201 6.58 3.11 -15.86
C THR A 201 7.11 2.55 -17.19
N ALA A 202 8.08 3.23 -17.78
CA ALA A 202 8.69 2.82 -19.05
C ALA A 202 9.48 1.51 -18.92
N SER A 203 10.41 1.42 -17.96
CA SER A 203 11.22 0.21 -17.81
C SER A 203 10.40 -1.07 -17.62
N ILE A 204 9.38 -1.02 -16.78
CA ILE A 204 8.64 -2.23 -16.51
C ILE A 204 7.94 -2.67 -17.77
N ARG A 205 7.44 -1.69 -18.55
CA ARG A 205 6.67 -2.01 -19.77
C ARG A 205 7.66 -2.64 -20.77
N THR A 206 8.79 -1.98 -21.01
CA THR A 206 9.82 -2.50 -21.88
C THR A 206 10.33 -3.88 -21.38
N ARG A 207 10.68 -4.01 -20.10
CA ARG A 207 11.24 -5.27 -19.65
C ARG A 207 10.22 -6.38 -19.88
N ARG A 208 8.99 -6.15 -19.45
CA ARG A 208 7.89 -7.10 -19.65
C ARG A 208 7.72 -7.39 -21.16
N GLY A 209 7.71 -6.33 -21.97
CA GLY A 209 7.52 -6.39 -23.42
C GLY A 209 6.04 -6.52 -23.75
N GLU A 210 5.20 -6.22 -22.77
CA GLU A 210 3.77 -6.08 -22.96
C GLU A 210 3.29 -5.15 -21.87
N LYS A 211 2.17 -4.50 -22.10
CA LYS A 211 1.65 -3.60 -21.11
C LYS A 211 1.38 -4.44 -19.89
N VAL A 212 1.53 -3.87 -18.69
CA VAL A 212 0.98 -4.52 -17.47
C VAL A 212 -0.48 -4.89 -17.73
N CYS A 213 -0.98 -5.92 -17.08
CA CYS A 213 -2.36 -6.28 -17.38
C CYS A 213 -3.05 -6.72 -16.12
N MET A 214 -4.18 -6.11 -15.77
CA MET A 214 -4.88 -6.47 -14.54
C MET A 214 -6.38 -6.63 -14.86
N ASN A 215 -6.86 -7.87 -14.74
CA ASN A 215 -8.24 -8.21 -14.95
C ASN A 215 -8.98 -8.45 -13.68
N VAL A 216 -9.98 -7.62 -13.42
CA VAL A 216 -10.66 -7.65 -12.15
C VAL A 216 -12.08 -8.04 -12.36
N PRO A 217 -12.51 -9.10 -11.69
CA PRO A 217 -13.85 -9.57 -11.98
C PRO A 217 -14.89 -8.47 -11.78
N MET A 218 -15.82 -8.38 -12.74
CA MET A 218 -16.89 -7.41 -12.74
C MET A 218 -18.06 -7.80 -11.84
N TYR A 219 -18.72 -6.84 -11.23
CA TYR A 219 -19.90 -7.20 -10.46
C TYR A 219 -20.95 -7.62 -11.47
N LYS A 220 -21.62 -8.74 -11.23
CA LYS A 220 -22.44 -9.28 -12.30
C LYS A 220 -23.88 -8.91 -12.08
N ASP A 221 -24.26 -7.68 -12.45
CA ASP A 221 -25.65 -7.19 -12.36
C ASP A 221 -26.53 -7.54 -13.61
N ILE A 222 -27.84 -7.34 -13.46
CA ILE A 222 -28.83 -7.84 -14.43
C ILE A 222 -28.63 -7.32 -15.89
N ALA A 223 -28.12 -6.11 -16.08
CA ALA A 223 -27.84 -5.62 -17.44
C ALA A 223 -26.35 -5.40 -17.77
N THR A 224 -25.44 -6.12 -17.10
CA THR A 224 -24.01 -5.85 -17.24
C THR A 224 -23.49 -6.35 -18.58
N PRO A 225 -22.81 -5.52 -19.34
CA PRO A 225 -22.22 -6.09 -20.56
C PRO A 225 -21.44 -7.41 -20.35
N GLU A 226 -21.37 -8.24 -21.37
CA GLU A 226 -20.63 -9.52 -21.35
C GLU A 226 -19.14 -9.29 -21.28
N THR A 227 -18.67 -8.21 -21.89
CA THR A 227 -17.26 -7.79 -21.82
C THR A 227 -17.14 -6.35 -21.29
N ASP A 228 -15.91 -5.91 -21.01
CA ASP A 228 -15.56 -4.48 -20.76
C ASP A 228 -15.64 -3.61 -22.05
N ASP A 229 -16.84 -3.11 -22.35
CA ASP A 229 -17.07 -2.27 -23.55
C ASP A 229 -16.40 -0.91 -23.48
N SER A 230 -15.39 -0.75 -22.66
CA SER A 230 -14.64 0.49 -22.71
C SER A 230 -13.40 0.24 -23.58
N ILE A 231 -13.13 -1.03 -23.91
CA ILE A 231 -11.95 -1.33 -24.72
C ILE A 231 -12.16 -0.76 -26.13
N TYR A 232 -11.15 -0.15 -26.73
CA TYR A 232 -11.31 0.29 -28.10
C TYR A 232 -10.01 -0.06 -28.79
N ASP A 233 -10.05 0.02 -30.10
CA ASP A 233 -8.87 -0.28 -30.86
C ASP A 233 -8.16 1.05 -31.13
N ARG A 234 -6.82 1.07 -31.30
CA ARG A 234 -6.10 2.36 -31.49
C ARG A 234 -4.80 2.15 -32.27
N ASP A 235 -4.19 3.22 -32.79
CA ASP A 235 -2.99 3.02 -33.61
C ASP A 235 -1.77 3.86 -33.29
N TRP A 236 -1.67 4.32 -32.05
CA TRP A 236 -0.46 5.06 -31.67
C TRP A 236 0.74 4.17 -31.45
N PHE A 237 0.51 2.98 -30.88
CA PHE A 237 1.65 2.23 -30.37
C PHE A 237 1.66 0.79 -30.76
N LEU A 238 2.86 0.32 -31.12
CA LEU A 238 3.12 -1.11 -31.40
C LEU A 238 4.23 -1.70 -30.50
N PRO A 239 3.99 -2.85 -29.86
CA PRO A 239 2.85 -3.78 -29.89
C PRO A 239 1.61 -3.41 -29.06
N GLU A 240 1.70 -2.37 -28.23
CA GLU A 240 0.74 -2.12 -27.15
C GLU A 240 -0.76 -1.95 -27.52
N ASP A 241 -1.07 -1.14 -28.56
CA ASP A 241 -2.50 -0.86 -28.92
C ASP A 241 -3.29 -2.09 -29.41
N LYS A 242 -2.52 -3.09 -29.85
CA LYS A 242 -3.05 -4.37 -30.31
C LYS A 242 -3.08 -5.43 -29.22
N GLU A 243 -2.48 -5.15 -28.05
CA GLU A 243 -2.51 -6.12 -26.92
C GLU A 243 -3.91 -6.32 -26.33
N ALA A 244 -4.65 -5.23 -26.17
CA ALA A 244 -5.87 -5.23 -25.37
C ALA A 244 -6.81 -6.36 -25.70
N LYS A 245 -7.13 -6.53 -26.98
CA LYS A 245 -8.10 -7.55 -27.44
C LYS A 245 -7.67 -8.99 -27.04
N LEU A 246 -6.36 -9.25 -27.04
CA LEU A 246 -5.81 -10.52 -26.56
C LEU A 246 -5.65 -10.66 -25.04
N ALA A 247 -5.45 -9.54 -24.32
CA ALA A 247 -5.21 -9.60 -22.87
C ALA A 247 -6.47 -9.59 -22.00
N SER A 248 -7.54 -8.99 -22.52
CA SER A 248 -8.81 -8.80 -21.81
C SER A 248 -9.54 -10.08 -21.68
N LYS A 249 -10.60 -10.11 -20.88
CA LYS A 249 -11.37 -11.32 -20.65
C LYS A 249 -12.79 -10.99 -20.35
N PRO A 250 -13.73 -11.71 -20.94
CA PRO A 250 -15.19 -11.51 -20.67
C PRO A 250 -15.55 -11.49 -19.20
N GLY A 251 -16.34 -10.50 -18.73
CA GLY A 251 -16.75 -10.43 -17.28
C GLY A 251 -15.66 -9.94 -16.27
N PHE A 252 -14.65 -9.21 -16.78
CA PHE A 252 -13.46 -8.67 -16.07
C PHE A 252 -13.18 -7.22 -16.49
N ILE A 253 -12.95 -6.33 -15.53
CA ILE A 253 -12.50 -5.00 -15.86
C ILE A 253 -11.05 -5.09 -16.32
N TYR A 254 -10.73 -4.42 -17.42
CA TYR A 254 -9.42 -4.56 -18.00
C TYR A 254 -8.60 -3.30 -17.68
N MET A 255 -7.39 -3.48 -17.15
CA MET A 255 -6.60 -2.30 -16.81
C MET A 255 -5.23 -2.49 -17.35
N ASP A 256 -4.57 -1.41 -17.73
CA ASP A 256 -3.40 -1.62 -18.59
C ASP A 256 -2.22 -0.67 -18.34
N SER A 257 -2.13 -0.16 -17.12
CA SER A 257 -1.16 0.88 -16.87
C SER A 257 -0.84 0.90 -15.42
N MET A 258 0.33 1.45 -15.08
CA MET A 258 0.84 1.37 -13.69
C MET A 258 0.01 2.21 -12.70
N GLY A 259 -0.47 3.35 -13.23
CA GLY A 259 -1.21 4.33 -12.47
C GLY A 259 -2.51 3.74 -12.02
N PHE A 260 -2.97 2.62 -12.57
CA PHE A 260 -4.22 2.10 -12.01
C PHE A 260 -3.92 1.48 -10.68
N GLY A 261 -2.67 1.07 -10.50
CA GLY A 261 -2.32 0.41 -9.26
C GLY A 261 -1.60 1.35 -8.33
N MET A 262 -0.44 1.79 -8.75
CA MET A 262 0.35 2.70 -7.94
C MET A 262 -0.31 4.06 -7.90
N GLY A 263 -1.44 4.19 -8.62
CA GLY A 263 -2.31 5.39 -8.53
C GLY A 263 -3.40 5.20 -7.50
N CYS A 264 -3.27 4.16 -6.69
CA CYS A 264 -4.09 3.96 -5.53
C CYS A 264 -3.34 4.29 -4.24
N SER A 265 -4.10 4.44 -3.16
CA SER A 265 -3.61 4.89 -1.84
C SER A 265 -3.85 3.84 -0.75
N CYS A 266 -3.00 3.84 0.27
CA CYS A 266 -3.18 2.99 1.41
C CYS A 266 -2.65 3.68 2.64
N LEU A 267 -2.81 3.02 3.79
CA LEU A 267 -2.25 3.47 5.08
C LEU A 267 -1.06 2.51 5.39
N GLN A 268 0.10 3.04 5.73
CA GLN A 268 1.24 2.16 6.03
C GLN A 268 1.75 2.51 7.39
N VAL A 269 2.18 1.52 8.18
CA VAL A 269 2.71 1.83 9.54
C VAL A 269 4.06 1.18 9.77
N THR A 270 5.05 1.97 10.25
CA THR A 270 6.39 1.48 10.51
C THR A 270 6.72 1.49 11.97
N PHE A 271 7.33 0.40 12.43
CA PHE A 271 7.72 0.21 13.89
C PHE A 271 9.18 -0.16 13.97
N GLN A 272 9.81 0.26 15.06
CA GLN A 272 11.22 -0.01 15.29
C GLN A 272 11.26 -1.01 16.40
N ALA A 273 11.96 -2.11 16.19
CA ALA A 273 12.00 -3.17 17.17
C ALA A 273 13.21 -2.95 18.10
N PRO A 274 13.22 -3.58 19.30
CA PRO A 274 14.42 -3.32 20.10
C PRO A 274 15.72 -3.75 19.49
N ASN A 275 15.74 -4.69 18.54
CA ASN A 275 16.98 -5.06 17.83
C ASN A 275 16.66 -5.98 16.66
N ILE A 276 17.65 -6.44 15.89
CA ILE A 276 17.34 -7.24 14.68
C ILE A 276 16.57 -8.52 14.99
N ASN A 277 16.89 -9.17 16.10
CA ASN A 277 16.26 -10.46 16.38
C ASN A 277 14.74 -10.34 16.69
N LYS A 278 14.42 -9.26 17.40
CA LYS A 278 13.09 -8.90 17.72
C LYS A 278 12.41 -8.39 16.47
N ALA A 279 13.15 -7.76 15.58
CA ALA A 279 12.52 -7.31 14.35
C ALA A 279 12.08 -8.52 13.51
N ARG A 280 12.92 -9.54 13.48
CA ARG A 280 12.56 -10.79 12.79
C ARG A 280 11.36 -11.42 13.46
N TYR A 281 11.40 -11.41 14.77
CA TYR A 281 10.30 -12.07 15.49
C TYR A 281 8.96 -11.36 15.16
N LEU A 282 8.97 -10.05 15.27
CA LEU A 282 7.83 -9.22 14.91
C LEU A 282 7.32 -9.41 13.47
N TYR A 283 8.22 -9.35 12.50
CA TYR A 283 7.90 -9.46 11.07
C TYR A 283 7.26 -10.81 10.79
N ASP A 284 7.86 -11.90 11.26
CA ASP A 284 7.24 -13.19 11.17
C ASP A 284 5.82 -13.19 11.78
N ALA A 285 5.69 -12.65 12.99
CA ALA A 285 4.37 -12.66 13.66
C ALA A 285 3.28 -11.83 12.95
N LEU A 286 3.67 -10.88 12.05
CA LEU A 286 2.65 -10.01 11.47
C LEU A 286 2.15 -10.55 10.16
N VAL A 287 2.79 -11.64 9.72
CA VAL A 287 2.60 -12.18 8.37
C VAL A 287 1.16 -12.52 8.10
N ASN A 288 0.53 -13.22 9.01
CA ASN A 288 -0.86 -13.62 8.79
C ASN A 288 -1.89 -12.52 9.17
N PHE A 289 -1.54 -11.60 10.06
CA PHE A 289 -2.30 -10.37 10.20
C PHE A 289 -2.48 -9.61 8.88
N ALA A 290 -1.56 -9.73 7.92
CA ALA A 290 -1.73 -8.93 6.74
C ALA A 290 -2.98 -9.29 5.93
N PRO A 291 -3.13 -10.55 5.47
CA PRO A 291 -4.39 -10.85 4.69
C PRO A 291 -5.66 -10.44 5.46
N ILE A 292 -5.59 -10.57 6.78
CA ILE A 292 -6.77 -10.34 7.62
C ILE A 292 -7.14 -8.82 7.67
N MET A 293 -6.16 -7.98 7.94
CA MET A 293 -6.40 -6.55 7.96
C MET A 293 -6.67 -6.05 6.52
N LEU A 294 -6.11 -6.73 5.52
CA LEU A 294 -6.55 -6.39 4.13
C LEU A 294 -8.10 -6.55 3.94
N ALA A 295 -8.65 -7.69 4.36
CA ALA A 295 -10.07 -7.94 4.23
C ALA A 295 -10.87 -7.02 5.14
N PHE A 296 -10.34 -6.80 6.34
CA PHE A 296 -11.07 -6.07 7.36
C PHE A 296 -11.14 -4.60 6.98
N SER A 297 -10.08 -4.08 6.32
CA SER A 297 -10.09 -2.66 5.96
C SER A 297 -10.63 -2.31 4.55
N ALA A 298 -11.28 -3.26 3.86
CA ALA A 298 -11.60 -3.06 2.41
C ALA A 298 -12.19 -1.67 2.11
N ALA A 299 -11.65 -1.07 1.04
CA ALA A 299 -12.09 0.27 0.59
C ALA A 299 -12.08 0.48 -0.95
N ALA A 300 -12.09 -0.59 -1.73
CA ALA A 300 -11.89 -0.43 -3.14
C ALA A 300 -12.84 -1.35 -3.94
N PRO A 301 -14.14 -0.99 -3.99
CA PRO A 301 -15.11 -1.86 -4.59
C PRO A 301 -15.31 -1.61 -6.08
N ALA A 302 -14.53 -0.70 -6.67
CA ALA A 302 -14.72 -0.26 -8.06
C ALA A 302 -13.40 0.05 -8.75
N PHE A 303 -13.33 -0.14 -10.06
CA PHE A 303 -12.16 0.25 -10.86
C PHE A 303 -12.59 0.66 -12.24
N LYS A 304 -11.84 1.60 -12.82
CA LYS A 304 -12.07 2.12 -14.16
C LYS A 304 -13.57 2.25 -14.49
N GLY A 305 -14.31 2.72 -13.51
CA GLY A 305 -15.70 2.97 -13.76
C GLY A 305 -16.66 1.83 -13.58
N TRP A 306 -16.23 0.70 -13.00
CA TRP A 306 -17.08 -0.46 -12.90
C TRP A 306 -17.13 -0.90 -11.47
N LEU A 307 -18.33 -1.22 -10.94
CA LEU A 307 -18.42 -2.02 -9.72
C LEU A 307 -17.67 -3.33 -9.96
N ALA A 308 -16.83 -3.74 -9.01
CA ALA A 308 -16.02 -4.92 -9.21
C ALA A 308 -16.56 -6.00 -8.38
N ASP A 309 -16.10 -7.21 -8.65
CA ASP A 309 -16.48 -8.29 -7.77
C ASP A 309 -15.44 -8.65 -6.68
N GLN A 310 -14.82 -7.62 -6.12
CA GLN A 310 -13.89 -7.70 -4.98
C GLN A 310 -13.89 -6.32 -4.35
N ASP A 311 -13.37 -6.24 -3.13
CA ASP A 311 -13.39 -4.99 -2.38
C ASP A 311 -12.05 -4.38 -1.99
N VAL A 312 -10.91 -4.85 -2.54
CA VAL A 312 -9.58 -4.34 -2.15
C VAL A 312 -8.66 -4.01 -3.39
N ARG A 313 -7.67 -3.16 -3.20
CA ARG A 313 -6.77 -2.74 -4.26
C ARG A 313 -5.69 -3.79 -4.55
N TRP A 314 -5.46 -4.72 -3.60
CA TRP A 314 -4.18 -5.40 -3.54
C TRP A 314 -3.76 -5.99 -4.90
N ASN A 315 -4.54 -6.95 -5.41
CA ASN A 315 -4.15 -7.61 -6.67
C ASN A 315 -3.97 -6.63 -7.83
N VAL A 316 -4.65 -5.48 -7.77
CA VAL A 316 -4.48 -4.48 -8.83
C VAL A 316 -3.12 -3.81 -8.74
N ILE A 317 -2.67 -3.52 -7.52
CA ILE A 317 -1.36 -2.91 -7.44
C ILE A 317 -0.36 -4.00 -7.80
N SER A 318 -0.65 -5.25 -7.41
CA SER A 318 0.23 -6.34 -7.71
C SER A 318 0.51 -6.46 -9.23
N GLY A 319 -0.54 -6.52 -10.03
CA GLY A 319 -0.37 -6.47 -11.49
C GLY A 319 0.17 -5.18 -12.08
N ALA A 320 -0.07 -4.02 -11.43
CA ALA A 320 0.36 -2.73 -12.05
C ALA A 320 1.89 -2.54 -12.20
N VAL A 321 2.65 -3.34 -11.46
CA VAL A 321 4.13 -3.26 -11.59
C VAL A 321 4.71 -4.66 -11.75
N ASP A 322 3.94 -5.54 -12.40
CA ASP A 322 4.39 -6.91 -12.57
C ASP A 322 5.29 -7.01 -13.79
N ASP A 323 6.60 -6.88 -13.57
CA ASP A 323 7.56 -6.88 -14.68
C ASP A 323 7.93 -8.28 -15.26
N ARG A 324 7.25 -9.35 -14.83
CA ARG A 324 7.53 -10.69 -15.32
C ARG A 324 7.24 -10.80 -16.82
N THR A 325 8.28 -11.19 -17.59
CA THR A 325 8.18 -11.50 -19.01
C THR A 325 7.32 -12.75 -19.10
N PRO A 326 6.65 -12.97 -20.25
CA PRO A 326 5.86 -14.19 -20.36
C PRO A 326 6.67 -15.47 -20.05
N LYS A 327 7.95 -15.50 -20.44
CA LYS A 327 8.80 -16.60 -20.00
C LYS A 327 8.84 -16.77 -18.48
N GLU A 328 9.11 -15.67 -17.77
CA GLU A 328 9.00 -15.63 -16.31
C GLU A 328 7.62 -16.06 -15.76
N ARG A 329 6.55 -15.88 -16.53
CA ARG A 329 5.22 -16.33 -16.04
C ARG A 329 4.74 -17.68 -16.59
N GLY A 330 5.62 -18.46 -17.26
CA GLY A 330 5.23 -19.75 -17.85
C GLY A 330 4.13 -19.65 -18.91
N VAL A 331 4.10 -18.55 -19.68
CA VAL A 331 3.03 -18.34 -20.71
C VAL A 331 3.56 -17.77 -22.06
N ALA A 332 2.76 -17.96 -23.10
CA ALA A 332 3.09 -17.48 -24.44
C ALA A 332 2.88 -15.97 -24.48
N PRO A 333 3.79 -15.24 -25.17
CA PRO A 333 3.52 -13.80 -25.31
C PRO A 333 2.20 -13.67 -26.04
N LEU A 334 1.46 -12.60 -25.80
CA LEU A 334 0.29 -12.31 -26.62
C LEU A 334 0.70 -11.97 -28.09
N LEU A 335 1.80 -11.25 -28.29
CA LEU A 335 2.25 -10.93 -29.64
C LEU A 335 3.69 -11.33 -29.99
N PRO A 336 3.88 -12.61 -30.39
CA PRO A 336 5.20 -13.26 -30.53
C PRO A 336 6.18 -12.58 -31.45
N LYS A 337 5.71 -11.80 -32.42
CA LYS A 337 6.66 -11.12 -33.33
C LYS A 337 7.22 -9.88 -32.68
N TYR A 338 6.59 -9.46 -31.57
CA TYR A 338 7.15 -8.37 -30.74
C TYR A 338 7.87 -8.89 -29.50
N ASN A 339 7.16 -9.63 -28.65
CA ASN A 339 7.74 -10.24 -27.47
C ASN A 339 8.52 -11.52 -27.82
N LYS A 340 9.76 -11.35 -28.31
CA LYS A 340 10.61 -12.39 -28.90
C LYS A 340 10.91 -13.58 -27.96
N ASN A 341 10.26 -14.71 -28.26
CA ASN A 341 10.26 -15.94 -27.43
C ASN A 341 9.71 -15.81 -26.00
N GLY A 342 9.10 -14.67 -25.67
CA GLY A 342 8.63 -14.46 -24.31
C GLY A 342 9.63 -13.84 -23.34
N PHE A 343 10.78 -13.40 -23.83
CA PHE A 343 11.82 -12.83 -22.99
C PHE A 343 11.74 -11.31 -22.86
N GLY A 344 10.68 -10.72 -23.43
CA GLY A 344 10.48 -9.27 -23.51
C GLY A 344 11.80 -8.54 -23.71
N GLY A 345 12.11 -7.58 -22.83
CA GLY A 345 13.35 -6.84 -22.88
C GLY A 345 14.56 -7.40 -22.13
N ILE A 346 14.51 -8.67 -21.70
CA ILE A 346 15.67 -9.24 -20.99
C ILE A 346 16.84 -9.40 -21.97
N ALA A 347 18.06 -9.02 -21.58
CA ALA A 347 19.21 -9.15 -22.49
C ALA A 347 19.38 -10.57 -23.10
N LYS A 348 19.81 -10.60 -24.36
CA LYS A 348 20.09 -11.85 -25.05
C LYS A 348 21.12 -12.65 -24.23
N ASP A 349 22.15 -11.98 -23.73
CA ASP A 349 23.19 -12.71 -23.06
C ASP A 349 22.85 -13.20 -21.64
N VAL A 350 21.58 -13.09 -21.22
CA VAL A 350 21.18 -13.60 -19.89
C VAL A 350 19.87 -14.37 -19.90
N GLN A 351 19.38 -14.72 -21.08
CA GLN A 351 18.13 -15.46 -21.12
C GLN A 351 18.23 -16.88 -20.56
N ASP A 352 19.36 -17.55 -20.87
CA ASP A 352 19.74 -18.85 -20.25
C ASP A 352 19.62 -18.82 -18.70
N LYS A 353 19.90 -17.69 -18.05
CA LYS A 353 19.72 -17.64 -16.59
C LYS A 353 18.32 -17.21 -16.04
N VAL A 354 17.33 -17.02 -16.91
CA VAL A 354 15.98 -16.65 -16.51
C VAL A 354 15.20 -17.77 -15.78
N LEU A 355 14.43 -17.38 -14.75
CA LEU A 355 13.62 -18.27 -13.90
C LEU A 355 12.10 -18.11 -14.02
N GLU A 356 11.35 -19.21 -13.99
CA GLU A 356 9.91 -19.13 -13.80
C GLU A 356 9.73 -18.63 -12.36
N ILE A 357 9.04 -17.48 -12.19
CA ILE A 357 8.85 -16.82 -10.89
C ILE A 357 7.35 -16.74 -10.68
N PRO A 358 6.84 -17.25 -9.59
CA PRO A 358 5.37 -17.37 -9.44
C PRO A 358 4.53 -16.11 -9.06
N LYS A 359 5.17 -14.98 -8.76
CA LYS A 359 4.48 -13.89 -8.08
C LYS A 359 5.06 -12.55 -8.45
N SER A 360 4.21 -11.55 -8.59
CA SER A 360 4.66 -10.19 -8.92
C SER A 360 5.67 -9.64 -7.87
N ARG A 361 6.63 -8.84 -8.33
CA ARG A 361 7.52 -8.18 -7.34
C ARG A 361 6.74 -7.33 -6.32
N TYR A 362 5.45 -7.11 -6.61
CA TYR A 362 4.58 -6.52 -5.66
C TYR A 362 3.65 -7.66 -5.27
N SER A 363 3.87 -8.28 -4.12
CA SER A 363 3.05 -9.45 -3.69
C SER A 363 3.25 -9.78 -2.22
N SER A 364 2.41 -10.68 -1.65
CA SER A 364 2.59 -11.07 -0.21
C SER A 364 4.02 -11.50 0.20
N VAL A 365 4.29 -11.42 1.49
CA VAL A 365 5.63 -11.84 1.98
C VAL A 365 5.87 -13.25 1.45
N ASP A 366 7.02 -13.51 0.85
CA ASP A 366 7.29 -14.91 0.50
C ASP A 366 7.80 -15.86 1.59
N LEU A 367 8.65 -15.38 2.52
CA LEU A 367 9.39 -16.24 3.45
C LEU A 367 9.33 -15.69 4.87
N PHE A 368 9.10 -16.54 5.88
CA PHE A 368 9.43 -16.11 7.21
C PHE A 368 10.95 -16.01 7.27
N LEU A 369 11.41 -14.98 7.97
CA LEU A 369 12.83 -14.75 8.30
C LEU A 369 13.36 -15.72 9.37
N GLY A 370 12.52 -16.23 10.24
CA GLY A 370 13.03 -17.18 11.26
C GLY A 370 13.98 -16.54 12.25
N GLY A 371 14.67 -17.33 13.03
CA GLY A 371 15.67 -16.83 13.98
C GLY A 371 15.10 -16.78 15.37
N SER A 372 13.86 -17.20 15.63
CA SER A 372 13.30 -17.17 17.01
C SER A 372 12.85 -18.56 17.44
N LYS A 373 12.46 -18.72 18.71
CA LYS A 373 12.39 -20.11 19.21
C LYS A 373 11.29 -20.98 18.56
N PHE A 374 10.20 -20.38 18.08
CA PHE A 374 9.14 -21.16 17.46
C PHE A 374 9.25 -21.39 15.98
N PHE A 375 10.27 -20.83 15.34
CA PHE A 375 10.42 -20.97 13.91
C PHE A 375 10.88 -22.36 13.58
N ASN A 376 10.45 -22.83 12.43
CA ASN A 376 10.87 -24.08 11.87
C ASN A 376 10.81 -23.91 10.35
N ARG A 377 11.90 -24.25 9.67
CA ARG A 377 12.03 -24.00 8.24
C ARG A 377 10.84 -24.55 7.43
N THR A 378 10.13 -25.54 7.96
CA THR A 378 9.08 -26.17 7.15
C THR A 378 7.81 -25.31 6.96
N TYR A 379 7.73 -24.22 7.72
CA TYR A 379 6.65 -23.25 7.60
C TYR A 379 6.74 -22.46 6.31
N ASN A 380 7.93 -22.40 5.72
CA ASN A 380 8.19 -21.87 4.39
C ASN A 380 8.03 -22.99 3.41
N ASP A 381 6.79 -23.25 3.02
CA ASP A 381 6.40 -24.46 2.28
C ASP A 381 5.86 -24.07 0.93
N THR A 382 6.28 -22.93 0.40
CA THR A 382 5.76 -22.53 -0.88
C THR A 382 6.90 -22.38 -1.86
N ASN A 383 6.54 -22.12 -3.13
CA ASN A 383 7.52 -21.92 -4.20
C ASN A 383 8.16 -20.54 -4.16
N VAL A 384 9.38 -20.48 -3.63
CA VAL A 384 10.13 -19.23 -3.61
C VAL A 384 11.56 -19.30 -4.28
N PRO A 385 11.63 -19.00 -5.58
CA PRO A 385 12.91 -19.02 -6.29
C PRO A 385 13.90 -18.06 -5.65
N ILE A 386 15.17 -18.41 -5.64
CA ILE A 386 16.21 -17.55 -5.06
C ILE A 386 17.41 -17.30 -6.00
N ASN A 387 18.13 -16.23 -5.73
CA ASN A 387 19.35 -15.91 -6.43
C ASN A 387 20.48 -16.64 -5.70
N GLU A 388 20.96 -17.74 -6.28
CA GLU A 388 21.93 -18.61 -5.60
C GLU A 388 23.24 -17.95 -5.30
N LYS A 389 23.68 -17.16 -6.26
CA LYS A 389 24.85 -16.31 -6.08
C LYS A 389 24.71 -15.40 -4.81
N VAL A 390 23.52 -14.84 -4.58
CA VAL A 390 23.32 -13.89 -3.49
C VAL A 390 23.34 -14.67 -2.18
N LEU A 391 22.57 -15.76 -2.14
CA LEU A 391 22.63 -16.71 -1.01
C LEU A 391 24.08 -17.03 -0.63
N GLY A 392 24.88 -17.52 -1.63
CA GLY A 392 26.28 -17.95 -1.38
C GLY A 392 27.04 -16.88 -0.65
N ARG A 393 26.91 -15.66 -1.16
CA ARG A 393 27.71 -14.54 -0.73
C ARG A 393 27.25 -13.97 0.62
N LEU A 394 25.94 -14.03 0.87
CA LEU A 394 25.46 -13.64 2.19
C LEU A 394 25.83 -14.72 3.20
N LEU A 395 25.89 -15.96 2.74
CA LEU A 395 26.34 -17.06 3.60
C LEU A 395 27.83 -17.03 3.95
N GLU A 396 28.66 -16.63 2.98
CA GLU A 396 30.10 -16.82 3.05
C GLU A 396 30.80 -15.54 2.63
N ASN A 397 31.26 -14.79 3.61
CA ASN A 397 31.87 -13.48 3.38
C ASN A 397 32.51 -13.02 4.69
N ASP A 398 33.35 -11.98 4.61
CA ASP A 398 34.24 -11.58 5.70
C ASP A 398 33.72 -10.39 6.46
N LYS A 399 32.54 -9.88 6.07
CA LYS A 399 31.98 -8.70 6.75
C LYS A 399 30.85 -9.04 7.73
N ALA A 400 29.92 -9.91 7.30
CA ALA A 400 28.80 -10.32 8.16
C ALA A 400 28.17 -11.57 7.60
N PRO A 401 28.70 -12.74 8.01
CA PRO A 401 28.05 -13.97 7.51
C PRO A 401 26.68 -14.14 8.19
N LEU A 402 25.64 -14.46 7.40
CA LEU A 402 24.22 -14.44 7.85
C LEU A 402 23.71 -15.85 8.05
N ASP A 403 22.69 -16.06 8.88
CA ASP A 403 22.09 -17.41 8.93
C ASP A 403 21.31 -17.70 7.64
N TYR A 404 21.02 -18.95 7.40
CA TYR A 404 20.53 -19.35 6.13
C TYR A 404 19.10 -18.84 5.91
N ASP A 405 18.26 -18.84 6.93
CA ASP A 405 16.92 -18.28 6.70
C ASP A 405 16.95 -16.82 6.30
N LEU A 406 17.79 -16.01 6.97
CA LEU A 406 17.84 -14.60 6.64
C LEU A 406 18.47 -14.38 5.28
N ALA A 407 19.52 -15.15 4.98
CA ALA A 407 20.12 -15.13 3.64
C ALA A 407 19.15 -15.49 2.51
N LYS A 408 18.21 -16.39 2.77
CA LYS A 408 17.27 -16.84 1.77
C LYS A 408 16.27 -15.69 1.41
N HIS A 409 15.75 -14.99 2.42
CA HIS A 409 14.93 -13.78 2.19
C HIS A 409 15.61 -12.73 1.27
N PHE A 410 16.89 -12.42 1.56
CA PHE A 410 17.54 -11.49 0.69
C PHE A 410 17.73 -12.08 -0.70
N ALA A 411 18.05 -13.36 -0.72
CA ALA A 411 18.28 -14.01 -1.99
C ALA A 411 16.99 -14.04 -2.80
N HIS A 412 15.84 -14.00 -2.13
CA HIS A 412 14.64 -14.10 -2.95
C HIS A 412 14.35 -12.72 -3.49
N LEU A 413 14.52 -11.70 -2.65
CA LEU A 413 14.22 -10.34 -3.11
C LEU A 413 15.11 -10.01 -4.28
N TYR A 414 16.22 -10.70 -4.40
CA TYR A 414 17.22 -10.38 -5.42
C TYR A 414 17.10 -11.27 -6.63
N ILE A 415 15.95 -11.84 -6.90
CA ILE A 415 15.76 -12.46 -8.17
C ILE A 415 15.26 -11.47 -9.22
N ARG A 416 15.14 -10.17 -8.87
CA ARG A 416 14.51 -9.16 -9.77
C ARG A 416 15.58 -8.29 -10.27
N ASP A 417 15.35 -7.63 -11.41
CA ASP A 417 16.29 -6.60 -11.88
C ASP A 417 15.90 -5.23 -11.39
N PRO A 418 16.87 -4.30 -11.31
CA PRO A 418 16.56 -2.90 -11.03
C PRO A 418 15.62 -2.30 -12.08
N VAL A 419 14.71 -1.42 -11.68
CA VAL A 419 13.81 -0.87 -12.69
C VAL A 419 13.87 0.64 -12.75
N SER A 420 14.88 1.20 -12.12
CA SER A 420 14.99 2.61 -12.07
C SER A 420 16.30 2.96 -11.41
N THR A 421 17.21 3.50 -12.20
CA THR A 421 18.57 3.79 -11.77
C THR A 421 19.11 5.04 -12.42
N PHE A 422 19.70 5.95 -11.63
CA PHE A 422 20.31 7.16 -12.21
C PHE A 422 21.80 6.97 -12.58
N GLU A 423 22.22 7.62 -13.66
CA GLU A 423 23.58 7.51 -14.16
C GLU A 423 24.65 8.03 -13.18
N GLU A 424 24.38 9.17 -12.54
CA GLU A 424 25.26 9.74 -11.47
C GLU A 424 25.67 8.63 -10.49
N LEU A 425 24.67 7.91 -10.00
CA LEU A 425 24.80 6.94 -8.92
C LEU A 425 25.36 5.53 -9.26
N LEU A 426 25.94 5.27 -10.43
CA LEU A 426 26.44 3.88 -10.69
C LEU A 426 27.58 3.47 -9.77
N ASN A 427 28.44 4.40 -9.42
CA ASN A 427 29.49 4.01 -8.52
C ASN A 427 29.42 4.67 -7.18
N GLN A 428 29.19 3.89 -6.14
CA GLN A 428 29.04 4.43 -4.81
C GLN A 428 30.13 3.86 -3.93
N ASP A 429 30.36 4.54 -2.82
CA ASP A 429 31.14 4.07 -1.71
C ASP A 429 30.19 3.15 -0.88
N ASN A 430 30.40 1.84 -0.99
CA ASN A 430 29.53 0.90 -0.29
C ASN A 430 29.57 0.92 1.23
N LYS A 431 30.51 1.64 1.83
CA LYS A 431 30.60 1.70 3.29
C LYS A 431 29.67 2.73 3.84
N THR A 432 29.28 3.71 3.01
CA THR A 432 28.51 4.87 3.53
C THR A 432 27.17 4.95 2.87
N SER A 433 27.10 4.41 1.65
CA SER A 433 25.91 4.47 0.84
C SER A 433 25.08 3.14 0.84
N SER A 434 23.76 3.22 1.03
CA SER A 434 22.94 2.03 0.77
C SER A 434 22.00 2.14 -0.44
N ASN A 435 22.32 3.09 -1.33
CA ASN A 435 21.41 3.42 -2.46
C ASN A 435 21.12 2.25 -3.38
N HIS A 436 22.15 1.50 -3.76
CA HIS A 436 21.95 0.27 -4.52
C HIS A 436 21.16 -0.85 -3.84
N PHE A 437 21.35 -1.05 -2.55
CA PHE A 437 20.50 -2.02 -1.89
C PHE A 437 19.03 -1.54 -2.02
N GLU A 438 18.77 -0.25 -1.68
CA GLU A 438 17.44 0.35 -1.77
C GLU A 438 16.81 0.21 -3.15
N ASN A 439 17.63 0.18 -4.18
CA ASN A 439 17.11 -0.01 -5.52
C ASN A 439 16.20 -1.25 -5.55
N ILE A 440 16.72 -2.36 -5.05
CA ILE A 440 16.01 -3.61 -5.02
C ILE A 440 15.10 -3.70 -3.79
N GLN A 441 15.62 -3.37 -2.59
CA GLN A 441 14.74 -3.40 -1.41
C GLN A 441 13.43 -2.65 -1.68
N SER A 442 13.56 -1.40 -2.09
CA SER A 442 12.40 -0.52 -2.28
C SER A 442 11.48 -0.89 -3.51
N THR A 443 11.95 -1.77 -4.38
CA THR A 443 11.07 -2.23 -5.47
C THR A 443 10.78 -3.71 -5.33
N ASN A 444 10.91 -4.21 -4.11
CA ASN A 444 10.17 -5.40 -3.72
C ASN A 444 9.10 -4.85 -2.74
N TRP A 445 7.87 -4.67 -3.25
CA TRP A 445 6.71 -4.18 -2.48
C TRP A 445 5.83 -5.29 -1.92
N GLN A 446 5.92 -5.55 -0.62
CA GLN A 446 5.19 -6.72 -0.12
C GLN A 446 4.23 -6.33 1.00
N THR A 447 3.60 -7.33 1.62
CA THR A 447 2.63 -6.98 2.67
C THR A 447 3.31 -6.47 3.95
N LEU A 448 4.60 -6.80 4.11
CA LEU A 448 5.45 -6.25 5.19
C LEU A 448 6.73 -5.84 4.51
N ARG A 449 7.57 -5.09 5.22
CA ARG A 449 8.92 -4.83 4.76
C ARG A 449 9.82 -4.92 6.01
N PHE A 450 10.88 -5.68 5.89
CA PHE A 450 11.93 -5.79 6.89
C PHE A 450 12.94 -4.76 6.47
N LYS A 451 13.06 -3.73 7.31
CA LYS A 451 13.91 -2.57 6.96
C LYS A 451 15.25 -2.47 7.69
N PRO A 452 16.33 -2.90 7.03
CA PRO A 452 17.61 -2.69 7.67
C PRO A 452 17.89 -1.20 7.75
N PRO A 453 18.69 -0.80 8.70
CA PRO A 453 18.97 0.63 8.75
C PRO A 453 20.15 1.09 7.82
N THR A 454 20.70 2.28 8.03
CA THR A 454 21.98 2.68 7.35
C THR A 454 23.27 2.26 8.08
N GLN A 455 24.39 2.33 7.35
CA GLN A 455 25.69 2.10 7.92
C GLN A 455 26.00 3.19 8.94
N GLN A 456 25.21 4.26 9.03
CA GLN A 456 25.53 5.23 10.07
C GLN A 456 24.92 4.83 11.43
N ALA A 457 24.02 3.83 11.41
CA ALA A 457 23.27 3.48 12.63
C ALA A 457 24.02 2.50 13.52
N THR A 458 25.27 2.82 13.85
CA THR A 458 26.08 1.99 14.72
C THR A 458 25.52 2.13 16.15
N PRO A 459 25.71 1.10 17.00
CA PRO A 459 24.95 1.03 18.27
C PRO A 459 25.07 2.24 19.21
N ASP A 460 26.15 3.00 19.10
CA ASP A 460 26.29 4.16 19.96
C ASP A 460 25.42 5.35 19.50
N LYS A 461 25.17 5.48 18.19
CA LYS A 461 24.16 6.42 17.66
C LYS A 461 22.73 6.05 18.10
N LYS A 462 22.37 6.45 19.31
CA LYS A 462 21.09 6.09 19.96
C LYS A 462 19.85 6.60 19.24
N ASP A 463 20.04 7.59 18.37
CA ASP A 463 18.90 8.31 17.77
C ASP A 463 18.63 7.91 16.31
N SER A 464 19.59 7.21 15.71
CA SER A 464 19.44 6.65 14.37
C SER A 464 18.27 5.65 14.31
N PRO A 465 17.65 5.48 13.13
CA PRO A 465 16.67 4.40 12.99
C PRO A 465 17.35 3.00 13.09
N GLY A 466 16.78 2.10 13.91
CA GLY A 466 17.32 0.72 14.06
C GLY A 466 16.80 -0.26 13.04
N TRP A 467 16.50 -1.49 13.45
CA TRP A 467 15.85 -2.49 12.58
C TRP A 467 14.35 -2.34 12.64
N ARG A 468 13.73 -2.17 11.49
CA ARG A 468 12.29 -1.82 11.49
C ARG A 468 11.36 -2.76 10.71
N VAL A 469 10.07 -2.71 11.01
CA VAL A 469 9.11 -3.54 10.29
C VAL A 469 7.98 -2.63 9.85
N GLU A 470 7.71 -2.63 8.53
CA GLU A 470 6.60 -1.91 7.94
C GLU A 470 5.42 -2.84 7.68
N PHE A 471 4.24 -2.37 8.08
CA PHE A 471 3.02 -3.12 7.95
C PHE A 471 2.28 -2.38 6.86
N ARG A 472 2.20 -3.00 5.69
CA ARG A 472 1.76 -2.33 4.47
C ARG A 472 0.36 -2.67 3.88
N PRO A 473 -0.45 -3.58 4.51
CA PRO A 473 -1.62 -3.98 3.70
C PRO A 473 -2.89 -3.08 3.82
N PHE A 474 -3.02 -2.25 4.87
CA PHE A 474 -4.28 -1.52 5.18
C PHE A 474 -4.73 -0.62 4.03
N GLU A 475 -5.95 -0.78 3.52
CA GLU A 475 -6.53 0.19 2.59
C GLU A 475 -6.69 1.52 3.36
N VAL A 476 -6.55 2.68 2.70
CA VAL A 476 -6.70 3.97 3.40
C VAL A 476 -8.16 4.33 3.56
N GLN A 477 -8.55 4.89 4.70
CA GLN A 477 -9.96 5.31 4.86
C GLN A 477 -10.23 6.84 4.70
N LEU A 478 -11.50 7.20 4.55
CA LEU A 478 -11.83 8.62 4.36
C LEU A 478 -11.53 9.48 5.58
N LEU A 479 -11.86 9.02 6.81
CA LEU A 479 -11.75 9.92 7.97
C LEU A 479 -10.47 9.72 8.70
N ASP A 480 -9.85 10.82 9.10
CA ASP A 480 -8.73 10.75 10.00
C ASP A 480 -9.04 9.91 11.27
N PHE A 481 -10.27 9.94 11.76
CA PHE A 481 -10.67 9.10 12.89
C PHE A 481 -10.47 7.60 12.57
N GLU A 482 -10.98 7.13 11.43
CA GLU A 482 -10.74 5.76 11.00
C GLU A 482 -9.27 5.43 10.94
N ASN A 483 -8.50 6.23 10.21
CA ASN A 483 -7.12 5.91 9.97
C ASN A 483 -6.26 5.93 11.24
N ALA A 484 -6.64 6.78 12.19
CA ALA A 484 -6.01 6.74 13.50
C ALA A 484 -6.33 5.44 14.22
N ALA A 485 -7.61 5.08 14.28
CA ALA A 485 -8.03 3.81 14.88
C ALA A 485 -7.17 2.65 14.37
N TYR A 486 -7.19 2.43 13.06
CA TYR A 486 -6.39 1.33 12.44
C TYR A 486 -4.89 1.49 12.73
N SER A 487 -4.37 2.71 12.71
CA SER A 487 -2.97 2.90 13.17
C SER A 487 -2.75 2.46 14.64
N VAL A 488 -3.66 2.82 15.50
CA VAL A 488 -3.47 2.45 16.90
C VAL A 488 -3.66 0.93 17.05
N LEU A 489 -4.56 0.36 16.24
CA LEU A 489 -4.82 -1.06 16.31
C LEU A 489 -3.51 -1.80 16.03
N ILE A 490 -2.89 -1.46 14.91
CA ILE A 490 -1.65 -2.14 14.62
C ILE A 490 -0.64 -1.81 15.73
N TYR A 491 -0.61 -0.56 16.22
CA TYR A 491 0.31 -0.24 17.34
C TYR A 491 0.15 -1.18 18.53
N LEU A 492 -1.10 -1.40 18.99
CA LEU A 492 -1.33 -2.23 20.16
C LEU A 492 -0.98 -3.65 19.90
N ILE A 493 -1.33 -4.17 18.71
CA ILE A 493 -0.93 -5.50 18.27
C ILE A 493 0.60 -5.64 18.29
N VAL A 494 1.31 -4.67 17.74
CA VAL A 494 2.76 -4.72 17.80
C VAL A 494 3.32 -4.70 19.23
N ASP A 495 2.67 -3.97 20.10
CA ASP A 495 3.26 -3.78 21.39
C ASP A 495 3.00 -5.08 22.09
N SER A 496 1.75 -5.56 22.00
CA SER A 496 1.44 -6.91 22.53
C SER A 496 2.49 -7.94 22.06
N ILE A 497 2.84 -7.90 20.77
CA ILE A 497 3.73 -8.93 20.23
C ILE A 497 5.09 -8.79 20.86
N LEU A 498 5.57 -7.56 21.04
CA LEU A 498 6.95 -7.32 21.55
C LEU A 498 7.05 -7.57 23.05
N THR A 499 6.01 -7.22 23.80
CA THR A 499 5.98 -7.45 25.23
C THR A 499 5.90 -8.93 25.59
N PHE A 500 5.25 -9.72 24.74
CA PHE A 500 4.99 -11.09 25.13
C PHE A 500 5.73 -12.08 24.26
N SER A 501 6.88 -11.66 23.76
CA SER A 501 7.59 -12.50 22.83
C SER A 501 7.90 -13.93 23.31
N ASP A 502 8.18 -14.13 24.60
CA ASP A 502 8.41 -15.51 25.05
C ASP A 502 7.21 -16.42 24.85
N ASN A 503 6.01 -15.85 24.74
CA ASN A 503 4.80 -16.68 24.83
C ASN A 503 4.02 -16.79 23.56
N ILE A 504 4.16 -15.83 22.67
CA ILE A 504 3.37 -15.83 21.48
C ILE A 504 4.05 -16.58 20.36
N ASN A 505 3.51 -17.76 20.03
CA ASN A 505 3.89 -18.42 18.81
C ASN A 505 2.82 -18.20 17.74
N ALA A 506 3.12 -17.37 16.73
CA ALA A 506 2.24 -17.10 15.57
C ALA A 506 2.59 -17.84 14.28
N TYR A 507 3.52 -18.76 14.32
CA TYR A 507 3.83 -19.42 13.07
C TYR A 507 2.63 -20.21 12.47
N ILE A 508 2.44 -20.10 11.15
CA ILE A 508 1.63 -21.04 10.41
C ILE A 508 2.24 -21.22 9.06
N HIS A 509 1.77 -22.22 8.33
CA HIS A 509 2.36 -22.48 7.04
C HIS A 509 2.05 -21.37 6.03
N MET A 510 3.11 -20.90 5.37
CA MET A 510 3.00 -19.79 4.52
C MET A 510 1.91 -20.06 3.47
N SER A 511 1.82 -21.26 2.94
CA SER A 511 0.79 -21.52 1.95
C SER A 511 -0.60 -21.13 2.49
N LYS A 512 -0.87 -21.25 3.80
CA LYS A 512 -2.18 -20.87 4.25
C LYS A 512 -2.36 -19.36 4.11
N VAL A 513 -1.28 -18.63 4.37
CA VAL A 513 -1.28 -17.19 4.27
C VAL A 513 -1.57 -16.73 2.86
N TRP A 514 -0.91 -17.33 1.88
CA TRP A 514 -1.17 -16.99 0.50
C TRP A 514 -2.64 -17.24 0.10
N GLU A 515 -3.19 -18.38 0.49
CA GLU A 515 -4.58 -18.64 0.32
C GLU A 515 -5.38 -17.53 1.01
N ASN A 516 -5.07 -17.22 2.25
CA ASN A 516 -5.70 -16.07 2.90
C ASN A 516 -5.67 -14.79 2.03
N MET A 517 -4.55 -14.53 1.39
CA MET A 517 -4.52 -13.35 0.57
C MET A 517 -5.56 -13.37 -0.58
N LYS A 518 -5.92 -14.53 -1.15
CA LYS A 518 -6.97 -14.48 -2.22
C LYS A 518 -8.33 -14.33 -1.57
N ILE A 519 -8.60 -15.06 -0.51
CA ILE A 519 -9.90 -14.93 0.09
C ILE A 519 -10.20 -13.49 0.44
N ALA A 520 -9.16 -12.74 0.80
CA ALA A 520 -9.32 -11.37 1.36
C ALA A 520 -9.82 -10.40 0.29
N HIS A 521 -9.59 -10.74 -0.96
CA HIS A 521 -10.18 -9.98 -2.06
C HIS A 521 -11.69 -10.09 -2.20
N HIS A 522 -12.35 -11.17 -1.76
CA HIS A 522 -13.73 -11.42 -2.25
C HIS A 522 -14.65 -10.32 -1.75
N ARG A 523 -15.65 -9.99 -2.55
CA ARG A 523 -16.70 -9.04 -2.19
C ARG A 523 -17.36 -9.46 -0.85
N ASP A 524 -17.48 -8.55 0.11
CA ASP A 524 -18.05 -8.83 1.42
C ASP A 524 -17.34 -9.97 2.19
N ALA A 525 -16.11 -10.29 1.82
CA ALA A 525 -15.29 -11.12 2.71
C ALA A 525 -15.44 -10.87 4.23
N ILE A 526 -15.37 -9.62 4.66
CA ILE A 526 -15.47 -9.35 6.11
C ILE A 526 -16.76 -9.97 6.69
N LEU A 527 -17.78 -10.09 5.87
CA LEU A 527 -19.11 -10.40 6.39
C LEU A 527 -19.38 -11.90 6.56
N PHE A 528 -18.70 -12.75 5.78
CA PHE A 528 -18.93 -14.22 5.88
C PHE A 528 -17.75 -15.15 5.55
N GLU A 529 -16.77 -14.73 4.78
CA GLU A 529 -15.67 -15.66 4.45
C GLU A 529 -14.88 -16.12 5.68
N LYS A 530 -14.13 -17.20 5.52
CA LYS A 530 -13.33 -17.81 6.57
C LYS A 530 -11.88 -17.87 6.13
N PHE A 531 -10.99 -17.78 7.11
CA PHE A 531 -9.60 -17.60 6.85
C PHE A 531 -8.84 -18.52 7.78
N HIS A 532 -7.75 -19.06 7.27
CA HIS A 532 -6.94 -19.92 8.11
C HIS A 532 -6.32 -19.04 9.20
N TRP A 533 -6.54 -19.39 10.45
CA TRP A 533 -6.03 -18.60 11.55
C TRP A 533 -5.57 -19.57 12.65
N LYS A 534 -4.42 -19.31 13.22
CA LYS A 534 -3.80 -20.19 14.21
C LYS A 534 -4.84 -20.43 15.26
N LYS A 535 -4.90 -21.63 15.80
CA LYS A 535 -5.95 -21.98 16.77
C LYS A 535 -5.60 -21.54 18.18
N SER A 536 -4.31 -21.48 18.44
CA SER A 536 -3.76 -20.94 19.66
C SER A 536 -2.38 -20.32 19.41
N PHE A 537 -2.10 -19.26 20.14
CA PHE A 537 -0.82 -18.57 20.12
C PHE A 537 0.02 -18.84 21.33
N ARG A 538 -0.60 -19.23 22.42
CA ARG A 538 0.13 -19.36 23.69
C ARG A 538 0.38 -20.86 23.85
N ASN A 539 1.42 -21.35 23.14
CA ASN A 539 1.54 -22.81 22.78
C ASN A 539 2.71 -23.31 21.90
N ASP A 540 3.87 -23.55 22.53
CA ASP A 540 5.08 -23.97 21.79
C ASP A 540 4.94 -25.20 20.86
N THR A 541 5.37 -25.03 19.59
CA THR A 541 5.35 -26.12 18.54
C THR A 541 3.96 -26.30 17.80
N ASP A 542 2.87 -25.89 18.44
CA ASP A 542 1.49 -26.00 17.93
C ASP A 542 1.35 -25.01 16.77
N VAL A 543 1.28 -25.50 15.51
CA VAL A 543 1.01 -24.64 14.30
C VAL A 543 -0.31 -24.94 13.53
N GLU A 544 -1.22 -25.66 14.20
CA GLU A 544 -2.55 -25.92 13.74
C GLU A 544 -3.36 -24.67 13.58
N THR A 545 -4.04 -24.59 12.44
CA THR A 545 -5.06 -23.60 12.20
C THR A 545 -6.42 -24.26 12.10
N GLU A 546 -7.46 -23.44 12.20
CA GLU A 546 -8.80 -23.79 11.79
C GLU A 546 -9.29 -22.64 10.92
N ASP A 547 -10.53 -22.66 10.45
CA ASP A 547 -10.98 -21.59 9.60
C ASP A 547 -12.01 -20.80 10.37
N TYR A 548 -11.79 -19.48 10.45
CA TYR A 548 -12.53 -18.58 11.32
C TYR A 548 -12.95 -17.38 10.48
N SER A 549 -14.15 -16.84 10.77
CA SER A 549 -14.62 -15.59 10.16
C SER A 549 -13.79 -14.47 10.72
N ILE A 550 -13.87 -13.30 10.07
CA ILE A 550 -13.23 -12.11 10.64
C ILE A 550 -13.77 -11.85 12.08
N SER A 551 -15.10 -12.05 12.26
CA SER A 551 -15.67 -11.74 13.51
C SER A 551 -15.00 -12.57 14.59
N GLU A 552 -14.83 -13.86 14.32
CA GLU A 552 -14.20 -14.79 15.28
C GLU A 552 -12.74 -14.47 15.49
N ILE A 553 -12.05 -14.14 14.39
CA ILE A 553 -10.66 -13.73 14.39
C ILE A 553 -10.43 -12.50 15.27
N PHE A 554 -11.36 -11.57 15.27
CA PHE A 554 -11.25 -10.47 16.19
C PHE A 554 -11.69 -10.80 17.58
N HIS A 555 -12.70 -11.67 17.73
CA HIS A 555 -13.29 -11.79 19.07
C HIS A 555 -13.18 -13.11 19.85
N ASN A 556 -12.73 -14.24 19.28
CA ASN A 556 -12.64 -15.52 20.06
C ASN A 556 -11.77 -15.40 21.27
N PRO A 557 -12.25 -15.86 22.45
CA PRO A 557 -11.32 -15.88 23.60
C PRO A 557 -10.04 -16.63 23.37
N GLU A 558 -10.10 -17.74 22.66
CA GLU A 558 -8.90 -18.57 22.60
C GLU A 558 -7.82 -17.95 21.70
N ASN A 559 -8.19 -17.21 20.65
CA ASN A 559 -7.20 -16.83 19.64
C ASN A 559 -7.56 -15.55 18.88
N GLY A 560 -8.46 -14.78 19.45
CA GLY A 560 -8.87 -13.53 18.80
C GLY A 560 -7.93 -12.37 19.03
N ILE A 561 -7.97 -11.45 18.07
CA ILE A 561 -7.14 -10.27 18.15
C ILE A 561 -7.36 -9.46 19.44
N PHE A 562 -8.63 -9.23 19.81
CA PHE A 562 -8.96 -8.58 21.05
C PHE A 562 -8.56 -9.35 22.32
N PRO A 563 -9.05 -10.58 22.51
CA PRO A 563 -8.69 -11.16 23.80
C PRO A 563 -7.27 -11.64 23.93
N GLN A 564 -6.56 -11.87 22.82
CA GLN A 564 -5.16 -12.32 22.88
C GLN A 564 -4.12 -11.28 22.55
N PHE A 565 -4.48 -10.13 21.97
CA PHE A 565 -3.47 -9.09 21.67
C PHE A 565 -3.76 -7.74 22.28
N VAL A 566 -4.86 -7.15 21.85
CA VAL A 566 -5.31 -5.87 22.33
C VAL A 566 -5.54 -5.92 23.84
N THR A 567 -6.52 -6.69 24.32
CA THR A 567 -6.84 -6.62 25.73
C THR A 567 -5.66 -6.88 26.68
N PRO A 568 -4.93 -7.98 26.49
CA PRO A 568 -3.77 -8.26 27.33
C PRO A 568 -2.75 -7.11 27.48
N ILE A 569 -2.46 -6.37 26.39
CA ILE A 569 -1.51 -5.26 26.50
C ILE A 569 -2.14 -4.07 27.18
N LEU A 570 -3.43 -3.87 27.03
CA LEU A 570 -4.08 -2.77 27.73
C LEU A 570 -4.14 -3.01 29.27
N CYS A 571 -4.21 -4.30 29.65
CA CYS A 571 -4.20 -4.68 31.06
C CYS A 571 -2.85 -4.36 31.67
N GLN A 572 -1.83 -4.75 30.96
CA GLN A 572 -0.52 -4.71 31.51
C GLN A 572 0.04 -3.29 31.46
N LYS A 573 -0.55 -2.40 30.67
CA LYS A 573 -0.17 -0.99 30.66
C LYS A 573 -1.04 -0.26 31.65
N GLY A 574 -1.99 -0.92 32.32
CA GLY A 574 -2.84 -0.25 33.28
C GLY A 574 -4.02 0.59 32.76
N PHE A 575 -4.34 0.46 31.49
CA PHE A 575 -5.44 1.23 30.92
C PHE A 575 -6.76 0.63 31.37
N VAL A 576 -6.78 -0.68 31.60
CA VAL A 576 -7.99 -1.36 32.10
C VAL A 576 -7.55 -2.44 33.11
N THR A 577 -8.49 -2.96 33.90
CA THR A 577 -8.15 -4.06 34.82
C THR A 577 -8.45 -5.41 34.14
N LYS A 578 -9.55 -5.54 33.39
CA LYS A 578 -9.72 -6.85 32.71
C LYS A 578 -10.30 -6.88 31.27
N ASP A 579 -10.98 -5.80 30.87
CA ASP A 579 -11.58 -5.74 29.55
C ASP A 579 -11.38 -4.42 28.76
N TRP A 580 -11.16 -4.54 27.45
CA TRP A 580 -11.07 -3.37 26.63
C TRP A 580 -12.30 -2.46 26.74
N LYS A 581 -13.48 -2.99 27.04
CA LYS A 581 -14.69 -2.13 27.13
C LYS A 581 -14.81 -1.18 28.35
N GLU A 582 -14.01 -1.41 29.38
CA GLU A 582 -13.95 -0.50 30.51
C GLU A 582 -13.56 0.90 30.04
N LEU A 583 -12.78 1.00 28.98
CA LEU A 583 -12.46 2.29 28.38
C LEU A 583 -13.65 3.17 28.00
N LYS A 584 -14.85 2.67 27.75
CA LYS A 584 -15.97 3.61 27.53
C LYS A 584 -16.09 4.61 28.68
N HIS A 585 -15.64 4.20 29.88
CA HIS A 585 -15.80 5.00 31.11
C HIS A 585 -14.54 5.65 31.61
N SER A 586 -13.42 5.39 30.95
CA SER A 586 -12.15 6.02 31.28
C SER A 586 -12.20 7.54 31.06
N SER A 587 -11.50 8.30 31.90
CA SER A 587 -11.39 9.75 31.67
C SER A 587 -10.31 9.98 30.61
N LYS A 588 -9.08 9.54 30.91
CA LYS A 588 -7.94 9.68 29.99
C LYS A 588 -8.14 9.04 28.60
N HIS A 589 -8.96 8.01 28.48
CA HIS A 589 -8.91 7.14 27.31
C HIS A 589 -10.21 6.92 26.61
N GLU A 590 -11.14 7.82 26.76
CA GLU A 590 -12.43 7.61 26.17
C GLU A 590 -12.28 7.36 24.64
N ARG A 591 -11.41 8.11 23.98
CA ARG A 591 -11.34 8.04 22.52
C ARG A 591 -10.85 6.65 22.03
N LEU A 592 -9.94 6.05 22.78
CA LEU A 592 -9.44 4.72 22.46
C LEU A 592 -10.58 3.68 22.49
N TYR A 593 -11.58 3.91 23.34
CA TYR A 593 -12.71 3.06 23.32
C TYR A 593 -13.45 3.16 22.02
N TYR A 594 -13.66 4.40 21.54
CA TYR A 594 -14.40 4.53 20.25
C TYR A 594 -13.63 3.97 19.05
N TYR A 595 -12.29 4.09 19.06
CA TYR A 595 -11.47 3.50 17.98
C TYR A 595 -11.78 2.01 17.98
N LEU A 596 -11.60 1.38 19.16
CA LEU A 596 -11.74 -0.07 19.28
C LEU A 596 -13.19 -0.48 18.95
N LYS A 597 -14.18 0.26 19.48
CA LYS A 597 -15.55 -0.03 19.11
C LYS A 597 -15.76 0.06 17.60
N LEU A 598 -15.17 1.05 16.94
CA LEU A 598 -15.30 1.14 15.48
C LEU A 598 -14.75 -0.17 14.91
N ILE A 599 -13.62 -0.66 15.44
CA ILE A 599 -12.95 -1.82 14.88
C ILE A 599 -13.83 -3.03 15.19
N SER A 600 -14.17 -3.21 16.45
CA SER A 600 -15.02 -4.35 16.81
C SER A 600 -16.32 -4.39 15.95
N ASP A 601 -17.00 -3.27 15.84
CA ASP A 601 -18.27 -3.18 15.10
C ASP A 601 -18.15 -3.46 13.62
N ARG A 602 -17.06 -3.05 12.97
CA ARG A 602 -16.85 -3.45 11.58
C ARG A 602 -16.44 -4.91 11.42
N ALA A 603 -15.65 -5.44 12.35
CA ALA A 603 -15.21 -6.84 12.30
C ALA A 603 -16.37 -7.77 12.50
N SER A 604 -17.36 -7.36 13.28
CA SER A 604 -18.55 -8.21 13.41
C SER A 604 -19.71 -7.92 12.44
N GLY A 605 -19.55 -7.01 11.47
CA GLY A 605 -20.65 -6.65 10.51
C GLY A 605 -21.76 -5.70 10.99
N GLU A 606 -21.72 -5.31 12.24
CA GLU A 606 -22.53 -4.24 12.75
C GLU A 606 -22.39 -2.93 11.94
N LEU A 607 -21.19 -2.57 11.49
CA LEU A 607 -20.97 -1.39 10.69
C LEU A 607 -20.21 -1.80 9.43
N PRO A 608 -20.45 -1.13 8.32
CA PRO A 608 -19.94 -1.50 7.02
C PRO A 608 -18.50 -1.04 6.68
N THR A 609 -17.83 -1.73 5.78
CA THR A 609 -16.50 -1.24 5.40
C THR A 609 -16.74 -0.03 4.48
N THR A 610 -15.70 0.73 4.19
CA THR A 610 -15.80 1.80 3.23
C THR A 610 -16.23 1.22 1.85
N ALA A 611 -15.69 0.04 1.55
CA ALA A 611 -15.97 -0.67 0.33
C ALA A 611 -17.47 -0.97 0.25
N LYS A 612 -18.02 -1.48 1.35
CA LYS A 612 -19.41 -1.74 1.43
C LYS A 612 -20.21 -0.44 1.21
N PHE A 613 -19.87 0.57 2.00
CA PHE A 613 -20.67 1.79 1.95
C PHE A 613 -20.66 2.38 0.50
N PHE A 614 -19.49 2.39 -0.15
CA PHE A 614 -19.43 2.76 -1.55
C PHE A 614 -20.25 1.80 -2.44
N ARG A 615 -20.27 0.50 -2.16
CA ARG A 615 -21.00 -0.40 -3.04
C ARG A 615 -22.48 -0.01 -2.89
N ASN A 616 -23.03 -0.08 -1.69
CA ASN A 616 -24.40 0.39 -1.49
C ASN A 616 -24.74 1.71 -2.20
N PHE A 617 -23.89 2.73 -2.01
CA PHE A 617 -24.18 4.01 -2.57
C PHE A 617 -24.38 3.87 -4.07
N VAL A 618 -23.46 3.19 -4.75
CA VAL A 618 -23.60 3.04 -6.19
C VAL A 618 -24.86 2.28 -6.56
N LEU A 619 -25.20 1.28 -5.75
CA LEU A 619 -26.29 0.39 -6.08
C LEU A 619 -27.63 1.10 -5.91
N GLN A 620 -27.71 2.00 -4.93
CA GLN A 620 -28.93 2.69 -4.57
C GLN A 620 -29.08 4.09 -5.21
N HIS A 621 -28.13 4.45 -6.07
CA HIS A 621 -28.18 5.74 -6.68
C HIS A 621 -29.31 5.76 -7.74
N PRO A 622 -30.13 6.86 -7.74
CA PRO A 622 -31.23 7.03 -8.71
C PRO A 622 -30.73 6.76 -10.14
N ASP A 623 -29.58 7.31 -10.49
CA ASP A 623 -29.08 7.19 -11.87
C ASP A 623 -28.42 5.85 -12.17
N TYR A 624 -28.34 4.94 -11.19
CA TYR A 624 -27.65 3.68 -11.44
C TYR A 624 -28.42 2.88 -12.48
N LYS A 625 -27.75 2.36 -13.52
CA LYS A 625 -28.47 1.67 -14.65
C LYS A 625 -28.49 0.16 -14.57
N HIS A 626 -28.31 -0.42 -13.36
CA HIS A 626 -28.22 -1.90 -13.12
C HIS A 626 -27.20 -2.66 -13.97
N ASP A 627 -26.19 -1.96 -14.43
CA ASP A 627 -25.23 -2.51 -15.39
C ASP A 627 -23.78 -2.49 -14.90
N SER A 628 -23.61 -2.15 -13.60
CA SER A 628 -22.27 -2.05 -13.00
C SER A 628 -21.45 -0.80 -13.42
N LYS A 629 -22.07 0.18 -14.10
CA LYS A 629 -21.26 1.28 -14.61
C LYS A 629 -21.37 2.39 -13.58
N ILE A 630 -20.26 3.06 -13.29
CA ILE A 630 -20.25 4.27 -12.50
C ILE A 630 -20.17 5.53 -13.38
N SER A 631 -21.29 6.23 -13.52
CA SER A 631 -21.31 7.38 -14.44
C SER A 631 -20.61 8.60 -13.81
N LYS A 632 -20.14 9.51 -14.68
CA LYS A 632 -19.73 10.81 -14.17
C LYS A 632 -20.62 11.29 -12.98
N SER A 633 -21.92 11.01 -13.07
CA SER A 633 -22.83 11.64 -12.17
C SER A 633 -22.93 10.86 -10.85
N ILE A 634 -23.05 9.53 -10.91
CA ILE A 634 -22.80 8.69 -9.72
C ILE A 634 -21.43 9.02 -9.05
N ASN A 635 -20.37 9.17 -9.84
CA ASN A 635 -19.04 9.41 -9.24
C ASN A 635 -19.01 10.75 -8.49
N TYR A 636 -19.60 11.77 -9.10
CA TYR A 636 -19.73 13.09 -8.49
C TYR A 636 -20.44 13.09 -7.13
N ASP A 637 -21.62 12.49 -7.05
CA ASP A 637 -22.31 12.44 -5.76
C ASP A 637 -21.59 11.58 -4.77
N LEU A 638 -21.11 10.41 -5.24
CA LEU A 638 -20.27 9.58 -4.38
C LEU A 638 -19.17 10.42 -3.72
N LEU A 639 -18.40 11.14 -4.52
CA LEU A 639 -17.28 11.83 -3.93
C LEU A 639 -17.72 13.04 -3.13
N SER A 640 -18.93 13.54 -3.42
CA SER A 640 -19.49 14.61 -2.60
C SER A 640 -19.82 14.07 -1.23
N THR A 641 -20.47 12.90 -1.20
CA THR A 641 -20.69 12.23 0.07
C THR A 641 -19.37 12.07 0.82
N CYS A 642 -18.35 11.62 0.10
CA CYS A 642 -17.07 11.32 0.72
C CYS A 642 -16.56 12.58 1.31
N ASP A 643 -16.72 13.67 0.58
CA ASP A 643 -16.23 14.95 1.05
C ASP A 643 -16.93 15.36 2.37
N ARG A 644 -18.25 15.24 2.39
CA ARG A 644 -18.97 15.55 3.64
C ARG A 644 -18.53 14.65 4.79
N LEU A 645 -18.42 13.35 4.51
CA LEU A 645 -18.01 12.40 5.55
C LEU A 645 -16.66 12.81 6.11
N THR A 646 -15.70 13.03 5.20
CA THR A 646 -14.35 13.42 5.60
C THR A 646 -14.44 14.59 6.59
N HIS A 647 -15.50 15.37 6.43
CA HIS A 647 -15.56 16.60 7.23
C HIS A 647 -16.52 16.53 8.40
N LEU A 648 -17.02 15.33 8.70
CA LEU A 648 -17.94 15.12 9.81
C LEU A 648 -19.20 15.91 9.66
N ASP A 649 -19.73 15.97 8.45
CA ASP A 649 -20.85 16.78 8.12
C ASP A 649 -22.09 15.85 8.00
N ASP A 650 -22.93 15.86 9.05
CA ASP A 650 -24.12 15.04 9.07
C ASP A 650 -25.38 15.71 8.49
N SER A 651 -25.23 16.88 7.88
CA SER A 651 -26.39 17.63 7.35
C SER A 651 -27.34 16.73 6.50
N LYS A 652 -26.80 15.72 5.82
CA LYS A 652 -27.62 14.77 5.10
C LYS A 652 -27.73 13.39 5.81
N GLY A 653 -27.38 13.30 7.10
CA GLY A 653 -27.41 11.99 7.79
C GLY A 653 -26.42 10.88 7.29
N GLU A 654 -25.38 11.28 6.57
CA GLU A 654 -24.54 10.28 5.92
C GLU A 654 -23.47 9.78 6.89
N LEU A 655 -22.98 10.66 7.75
CA LEU A 655 -22.07 10.24 8.79
C LEU A 655 -22.79 9.30 9.73
N THR A 656 -24.07 9.57 10.02
CA THR A 656 -24.79 8.68 10.95
C THR A 656 -25.02 7.31 10.29
N SER A 657 -25.36 7.34 9.01
CA SER A 657 -25.48 6.10 8.24
C SER A 657 -24.15 5.28 8.10
N PHE A 658 -22.99 5.94 8.02
CA PHE A 658 -21.72 5.28 7.82
C PHE A 658 -21.18 4.78 9.14
N LEU A 659 -21.16 5.64 10.16
CA LEU A 659 -20.55 5.24 11.44
C LEU A 659 -21.52 4.67 12.45
N GLY A 660 -22.81 4.69 12.17
CA GLY A 660 -23.79 4.53 13.23
C GLY A 660 -23.89 5.78 14.11
N ALA A 661 -25.05 5.93 14.75
CA ALA A 661 -25.39 7.06 15.63
C ALA A 661 -24.38 7.28 16.71
N GLU A 662 -24.06 6.23 17.45
CA GLU A 662 -23.25 6.44 18.63
C GLU A 662 -21.83 7.04 18.33
N ILE A 663 -21.13 6.46 17.34
CA ILE A 663 -19.80 6.93 16.97
C ILE A 663 -19.94 8.27 16.24
N ALA A 664 -20.95 8.38 15.39
CA ALA A 664 -21.15 9.62 14.67
C ALA A 664 -21.32 10.79 15.66
N GLU A 665 -22.25 10.71 16.61
CA GLU A 665 -22.38 11.73 17.63
C GLU A 665 -21.05 11.90 18.34
N TYR A 666 -20.43 10.77 18.65
CA TYR A 666 -19.27 10.85 19.49
C TYR A 666 -18.19 11.72 18.84
N VAL A 667 -17.91 11.51 17.53
CA VAL A 667 -16.79 12.20 16.85
C VAL A 667 -17.15 13.65 16.48
N LYS A 668 -18.43 13.91 16.25
CA LYS A 668 -18.96 15.24 16.01
C LYS A 668 -18.82 16.04 17.30
N LYS A 669 -19.19 15.41 18.41
CA LYS A 669 -19.11 16.12 19.69
C LYS A 669 -17.74 16.18 20.34
N ASN A 670 -16.73 15.48 19.82
CA ASN A 670 -15.38 15.45 20.48
C ASN A 670 -14.23 15.35 19.53
N LYS A 671 -13.46 16.44 19.49
CA LYS A 671 -12.20 16.52 18.79
C LYS A 671 -11.17 15.74 19.57
N PRO A 672 -10.16 15.25 18.88
CA PRO A 672 -9.02 14.62 19.54
C PRO A 672 -8.16 15.62 20.31
N SER A 673 -7.68 15.20 21.48
CA SER A 673 -6.65 15.97 22.23
C SER A 673 -5.65 14.99 22.90
#